data_6O1Y
#
_entry.id   6O1Y
#
_cell.length_a   53.453
_cell.length_b   108.663
_cell.length_c   142.384
_cell.angle_alpha   90.000
_cell.angle_beta   90.000
_cell.angle_gamma   90.000
#
_symmetry.space_group_name_H-M   'P 21 21 21'
#
loop_
_entity.id
_entity.type
_entity.pdbx_description
1 polymer 'DNA translocase coupling protein'
2 non-polymer "ADENOSINE-5'-TRIPHOSPHATE"
3 non-polymer beta-D-glucopyranose
4 water water
#
_entity_poly.entity_id   1
_entity_poly.type   'polypeptide(L)'
_entity_poly.pdbx_seq_one_letter_code
;SKNKEDKRNAEYRLAFEQLNFVGADSKTPILKSFIEDKGTRIDEITFESMIPIETWKSYIPQLQTSLNISIISIEQGASK
RIVIIKSMAGDAKIPKYLPWDDKYIEEQEGVVVVGQTFSGNIKIDLNKSPHILSAGETGSGKSVILRCILWQLLKQGAIA
YMVDFKGGVEFGLEYEKVGQVITEVDAAEKLFKYLVDENAKRLKLLRESGSKNIGEYNKKFEGEELKRIIVVIDELAELM
DKTGVDDETRAKLVRIEGYTSTLARLSRATGINLCIGVQRPDAKVITGQIKNNVPVRICGRFADSKASEIVLSNTKAKDL
PEVKGRFLFKLGADTVQFQAFYFDDDKHFIPNKILKLRK
;
_entity_poly.pdbx_strand_id   A,B
#
loop_
_chem_comp.id
_chem_comp.type
_chem_comp.name
_chem_comp.formula
ATP non-polymer ADENOSINE-5'-TRIPHOSPHATE 'C10 H16 N5 O13 P3'
BGC D-saccharide, beta linking beta-D-glucopyranose 'C6 H12 O6'
#
# COMPACT_ATOMS: atom_id res chain seq x y z
N ASP A 6 -1.08 -3.73 44.23
CA ASP A 6 -2.03 -3.59 43.12
C ASP A 6 -2.63 -4.92 42.65
N LYS A 7 -3.90 -4.86 42.26
CA LYS A 7 -4.73 -5.96 41.79
C LYS A 7 -4.19 -6.62 40.50
N ARG A 8 -3.76 -5.82 39.50
CA ARG A 8 -3.27 -6.34 38.22
C ARG A 8 -2.03 -7.18 38.35
N ASN A 9 -1.00 -6.67 39.09
CA ASN A 9 0.28 -7.35 39.32
C ASN A 9 0.03 -8.67 40.06
N ALA A 10 -0.90 -8.63 41.02
CA ALA A 10 -1.32 -9.77 41.83
C ALA A 10 -2.06 -10.85 40.98
N GLU A 11 -2.88 -10.37 40.03
CA GLU A 11 -3.64 -11.19 39.11
C GLU A 11 -2.72 -11.92 38.14
N TYR A 12 -1.90 -11.14 37.43
CA TYR A 12 -0.94 -11.60 36.43
C TYR A 12 0.05 -12.61 37.00
N ARG A 13 0.50 -12.37 38.25
CA ARG A 13 1.41 -13.24 39.00
C ARG A 13 0.82 -14.64 39.12
N LEU A 14 -0.48 -14.75 39.51
CA LEU A 14 -1.14 -16.05 39.63
C LEU A 14 -1.29 -16.70 38.28
N ALA A 15 -1.67 -15.93 37.24
CA ALA A 15 -1.79 -16.44 35.88
C ALA A 15 -0.44 -17.02 35.39
N PHE A 16 0.66 -16.43 35.85
CA PHE A 16 1.96 -16.94 35.43
C PHE A 16 2.36 -18.16 36.25
N GLU A 17 2.17 -18.10 37.60
CA GLU A 17 2.45 -19.21 38.51
C GLU A 17 1.74 -20.46 38.04
N GLN A 18 0.44 -20.34 37.67
CA GLN A 18 -0.45 -21.38 37.13
C GLN A 18 0.08 -22.03 35.85
N LEU A 19 0.77 -21.23 34.98
CA LEU A 19 1.35 -21.71 33.72
C LEU A 19 2.83 -22.13 33.85
N ASN A 20 3.45 -21.86 35.02
CA ASN A 20 4.88 -22.10 35.33
C ASN A 20 5.70 -21.32 34.27
N PHE A 21 5.17 -20.14 33.87
CA PHE A 21 5.75 -19.24 32.87
C PHE A 21 6.89 -18.47 33.54
N VAL A 22 8.05 -19.12 33.61
CA VAL A 22 9.27 -18.57 34.20
C VAL A 22 10.43 -18.62 33.20
N GLY A 23 11.35 -17.66 33.32
CA GLY A 23 12.53 -17.59 32.46
C GLY A 23 13.66 -18.48 32.92
N ALA A 24 14.84 -18.34 32.28
CA ALA A 24 16.03 -19.11 32.62
C ALA A 24 16.48 -18.86 34.07
N ASP A 25 16.04 -17.72 34.64
CA ASP A 25 16.31 -17.26 36.00
C ASP A 25 15.33 -17.83 37.05
N SER A 26 14.32 -18.61 36.58
CA SER A 26 13.25 -19.22 37.37
C SER A 26 12.31 -18.15 38.02
N LYS A 27 12.08 -17.03 37.29
CA LYS A 27 11.28 -15.88 37.73
C LYS A 27 10.21 -15.45 36.69
N THR A 28 8.95 -15.29 37.16
CA THR A 28 7.77 -14.91 36.36
C THR A 28 7.90 -13.50 35.71
N PRO A 29 7.29 -13.24 34.52
CA PRO A 29 7.41 -11.90 33.94
C PRO A 29 6.93 -10.83 34.90
N ILE A 30 7.71 -9.74 35.00
CA ILE A 30 7.37 -8.64 35.88
C ILE A 30 6.71 -7.53 35.05
N LEU A 31 5.52 -7.10 35.48
CA LEU A 31 4.72 -6.08 34.81
C LEU A 31 5.35 -4.70 34.99
N LYS A 32 5.86 -4.15 33.90
CA LYS A 32 6.54 -2.86 33.89
C LYS A 32 5.56 -1.71 33.74
N SER A 33 4.55 -1.88 32.85
CA SER A 33 3.52 -0.88 32.62
C SER A 33 2.37 -1.38 31.79
N PHE A 34 1.18 -0.99 32.21
CA PHE A 34 -0.08 -1.26 31.55
C PHE A 34 -0.62 0.11 31.11
N ILE A 35 -0.51 0.39 29.81
CA ILE A 35 -0.93 1.66 29.19
C ILE A 35 -2.20 1.41 28.35
N GLU A 36 -3.34 1.52 29.02
CA GLU A 36 -4.67 1.36 28.44
C GLU A 36 -5.13 2.59 27.63
N ASP A 37 -5.68 2.39 26.42
CA ASP A 37 -6.23 3.48 25.59
C ASP A 37 -7.73 3.52 25.83
N LYS A 38 -8.26 4.69 26.21
CA LYS A 38 -9.69 4.82 26.52
C LYS A 38 -10.53 4.91 25.26
N GLY A 39 -9.93 5.43 24.18
CA GLY A 39 -10.60 5.65 22.90
C GLY A 39 -10.70 4.42 22.00
N THR A 40 -9.53 3.91 21.60
CA THR A 40 -9.39 2.73 20.76
C THR A 40 -9.58 1.49 21.60
N ARG A 41 -9.32 1.60 22.93
CA ARG A 41 -9.43 0.54 23.95
C ARG A 41 -8.42 -0.62 23.74
N ILE A 42 -7.31 -0.27 23.08
CA ILE A 42 -6.18 -1.13 22.85
C ILE A 42 -5.19 -0.79 23.97
N ASP A 43 -5.02 -1.73 24.92
CA ASP A 43 -4.11 -1.63 26.05
C ASP A 43 -2.73 -2.11 25.60
N GLU A 44 -1.66 -1.59 26.24
CA GLU A 44 -0.27 -1.90 25.94
C GLU A 44 0.41 -2.45 27.20
N ILE A 45 0.49 -3.78 27.30
CA ILE A 45 1.04 -4.52 28.44
C ILE A 45 2.51 -4.82 28.26
N THR A 46 3.35 -4.20 29.10
CA THR A 46 4.80 -4.37 29.05
C THR A 46 5.25 -5.26 30.19
N PHE A 47 6.10 -6.24 29.88
CA PHE A 47 6.69 -7.14 30.85
C PHE A 47 8.18 -7.27 30.54
N GLU A 48 9.04 -7.45 31.58
CA GLU A 48 10.45 -7.77 31.39
C GLU A 48 10.75 -9.12 32.09
N SER A 49 10.99 -10.14 31.27
CA SER A 49 11.21 -11.50 31.74
C SER A 49 12.52 -12.09 31.19
N MET A 50 12.80 -13.37 31.46
CA MET A 50 13.98 -14.03 30.89
C MET A 50 13.51 -15.02 29.80
N ILE A 51 12.20 -14.94 29.48
CA ILE A 51 11.48 -15.75 28.49
C ILE A 51 11.61 -15.14 27.08
N PRO A 52 12.10 -15.93 26.09
CA PRO A 52 12.24 -15.40 24.71
C PRO A 52 10.91 -15.26 23.99
N ILE A 53 10.82 -14.26 23.08
CA ILE A 53 9.64 -13.87 22.30
C ILE A 53 8.92 -15.08 21.65
N GLU A 54 9.69 -16.13 21.31
CA GLU A 54 9.20 -17.35 20.71
C GLU A 54 8.27 -18.10 21.69
N THR A 55 8.70 -18.23 22.96
CA THR A 55 7.95 -18.90 24.03
C THR A 55 6.67 -18.11 24.39
N TRP A 56 6.76 -16.76 24.30
CA TRP A 56 5.63 -15.87 24.52
C TRP A 56 4.54 -16.12 23.48
N LYS A 57 4.91 -16.05 22.18
CA LYS A 57 4.00 -16.27 21.05
C LYS A 57 3.34 -17.65 21.15
N SER A 58 4.12 -18.65 21.53
CA SER A 58 3.65 -20.02 21.76
C SER A 58 2.52 -20.06 22.83
N TYR A 59 2.50 -19.03 23.71
CA TYR A 59 1.54 -18.94 24.81
C TYR A 59 0.42 -17.95 24.57
N ILE A 60 0.33 -17.29 23.38
CA ILE A 60 -0.76 -16.35 23.08
C ILE A 60 -2.15 -16.99 23.35
N PRO A 61 -2.47 -18.23 22.86
CA PRO A 61 -3.77 -18.82 23.21
C PRO A 61 -3.99 -19.00 24.72
N GLN A 62 -2.92 -19.35 25.48
CA GLN A 62 -3.03 -19.53 26.93
C GLN A 62 -3.12 -18.23 27.66
N LEU A 63 -2.37 -17.23 27.21
CA LEU A 63 -2.34 -15.89 27.79
C LEU A 63 -3.65 -15.19 27.60
N GLN A 64 -4.30 -15.41 26.44
CA GLN A 64 -5.63 -14.88 26.14
C GLN A 64 -6.64 -15.46 27.13
N THR A 65 -6.69 -16.78 27.28
CA THR A 65 -7.63 -17.46 28.20
C THR A 65 -7.37 -17.11 29.69
N SER A 66 -6.12 -16.87 30.03
CA SER A 66 -5.73 -16.57 31.40
C SER A 66 -6.02 -15.14 31.84
N LEU A 67 -5.64 -14.17 31.03
CA LEU A 67 -5.81 -12.75 31.36
C LEU A 67 -7.12 -12.22 30.82
N ASN A 68 -7.79 -13.02 29.95
CA ASN A 68 -9.05 -12.69 29.25
C ASN A 68 -8.83 -11.45 28.39
N ILE A 69 -8.03 -11.61 27.33
CA ILE A 69 -7.70 -10.52 26.40
C ILE A 69 -7.60 -11.05 25.00
N SER A 70 -7.75 -10.18 24.01
CA SER A 70 -7.57 -10.55 22.61
C SER A 70 -6.19 -9.99 22.30
N ILE A 71 -5.18 -10.86 22.20
CA ILE A 71 -3.82 -10.41 21.89
C ILE A 71 -3.74 -10.05 20.38
N ILE A 72 -3.52 -8.76 20.14
CA ILE A 72 -3.37 -8.16 18.80
C ILE A 72 -1.95 -8.52 18.35
N SER A 73 -0.93 -8.24 19.18
CA SER A 73 0.48 -8.53 18.87
C SER A 73 1.35 -8.62 20.11
N ILE A 74 2.44 -9.38 20.01
CA ILE A 74 3.50 -9.47 21.01
C ILE A 74 4.77 -9.17 20.22
N GLU A 75 5.49 -8.11 20.62
CA GLU A 75 6.72 -7.63 19.98
C GLU A 75 7.82 -7.55 21.05
N GLN A 76 9.10 -7.47 20.61
CA GLN A 76 10.22 -7.34 21.54
C GLN A 76 10.41 -5.85 21.76
N GLY A 77 10.66 -5.47 23.01
CA GLY A 77 10.88 -4.09 23.41
C GLY A 77 12.29 -3.61 23.16
N ALA A 78 12.67 -2.50 23.85
CA ALA A 78 13.98 -1.85 23.74
C ALA A 78 15.15 -2.80 24.00
N SER A 79 14.97 -3.75 24.94
CA SER A 79 15.96 -4.77 25.27
C SER A 79 15.39 -6.19 25.03
N LYS A 80 16.28 -7.20 24.87
CA LYS A 80 15.84 -8.59 24.64
C LYS A 80 15.31 -9.25 25.93
N ARG A 81 15.10 -8.43 26.97
CA ARG A 81 14.55 -8.79 28.28
C ARG A 81 13.09 -8.36 28.34
N ILE A 82 12.72 -7.34 27.56
CA ILE A 82 11.38 -6.73 27.60
C ILE A 82 10.54 -7.05 26.34
N VAL A 83 9.24 -7.36 26.59
CA VAL A 83 8.20 -7.66 25.58
C VAL A 83 7.02 -6.68 25.72
N ILE A 84 6.35 -6.35 24.60
CA ILE A 84 5.19 -5.46 24.60
C ILE A 84 4.02 -6.18 23.97
N ILE A 85 2.91 -6.27 24.72
CA ILE A 85 1.68 -6.90 24.29
C ILE A 85 0.72 -5.79 23.96
N LYS A 86 0.04 -5.89 22.83
CA LYS A 86 -1.02 -4.99 22.39
C LYS A 86 -2.28 -5.87 22.44
N SER A 87 -3.24 -5.48 23.27
CA SER A 87 -4.44 -6.30 23.48
C SER A 87 -5.67 -5.48 23.77
N MET A 88 -6.82 -6.14 23.81
CA MET A 88 -8.10 -5.53 24.15
C MET A 88 -8.79 -6.47 25.12
N ALA A 89 -9.24 -5.95 26.28
CA ALA A 89 -9.95 -6.71 27.30
C ALA A 89 -11.14 -7.48 26.70
N GLY A 90 -11.59 -8.54 27.38
CA GLY A 90 -12.73 -9.34 26.96
C GLY A 90 -14.04 -8.58 26.97
N ASP A 91 -14.04 -7.39 27.63
CA ASP A 91 -15.16 -6.47 27.79
C ASP A 91 -15.16 -5.32 26.78
N ALA A 92 -14.09 -5.15 25.98
CA ALA A 92 -14.06 -4.14 24.92
C ALA A 92 -14.67 -4.85 23.67
N LYS A 93 -15.98 -5.20 23.78
CA LYS A 93 -16.77 -5.96 22.81
C LYS A 93 -17.28 -5.13 21.62
N ILE A 94 -16.75 -5.46 20.41
CA ILE A 94 -17.10 -4.89 19.11
C ILE A 94 -17.28 -5.98 18.09
N PRO A 95 -18.42 -6.02 17.35
CA PRO A 95 -18.63 -7.05 16.31
C PRO A 95 -17.45 -7.22 15.35
N LYS A 96 -17.13 -8.45 14.97
CA LYS A 96 -16.04 -8.74 14.04
C LYS A 96 -16.55 -8.61 12.59
N TYR A 97 -17.88 -8.56 12.45
CA TYR A 97 -18.62 -8.43 11.20
C TYR A 97 -20.01 -7.86 11.53
N LEU A 98 -20.45 -6.85 10.76
CA LEU A 98 -21.74 -6.20 10.98
C LEU A 98 -22.30 -5.74 9.62
N PRO A 99 -23.36 -6.35 9.06
CA PRO A 99 -23.87 -5.87 7.76
C PRO A 99 -24.70 -4.61 7.90
N TRP A 100 -24.98 -3.97 6.76
CA TRP A 100 -25.81 -2.78 6.69
C TRP A 100 -27.30 -3.18 6.84
N ASP A 101 -28.12 -2.29 7.41
CA ASP A 101 -29.55 -2.45 7.53
C ASP A 101 -30.18 -1.06 7.42
N ASP A 102 -31.28 -0.94 6.65
CA ASP A 102 -31.93 0.35 6.49
C ASP A 102 -32.56 0.82 7.80
N LYS A 103 -32.54 -0.04 8.85
CA LYS A 103 -33.05 0.27 10.19
C LYS A 103 -32.15 1.31 10.85
N TYR A 104 -30.88 1.32 10.49
CA TYR A 104 -29.93 2.28 11.04
C TYR A 104 -30.13 3.72 10.55
N ILE A 105 -30.66 3.89 9.30
CA ILE A 105 -30.87 5.20 8.67
C ILE A 105 -31.46 6.19 9.66
N GLU A 106 -30.68 7.25 9.95
CA GLU A 106 -31.08 8.31 10.89
C GLU A 106 -32.28 9.13 10.39
N GLU A 107 -33.10 9.58 11.33
CA GLU A 107 -34.32 10.36 11.07
C GLU A 107 -34.00 11.84 10.76
N GLN A 108 -33.06 12.40 11.53
CA GLN A 108 -32.58 13.78 11.39
C GLN A 108 -31.83 13.96 10.05
N GLU A 109 -32.37 14.79 9.13
CA GLU A 109 -31.74 15.04 7.84
C GLU A 109 -30.36 15.63 8.07
N GLY A 110 -29.36 14.84 7.69
CA GLY A 110 -27.95 15.20 7.81
C GLY A 110 -27.14 14.33 8.75
N VAL A 111 -27.80 13.48 9.55
CA VAL A 111 -27.09 12.55 10.45
C VAL A 111 -26.92 11.20 9.74
N VAL A 112 -25.69 10.67 9.73
CA VAL A 112 -25.39 9.38 9.12
C VAL A 112 -24.63 8.47 10.13
N VAL A 113 -24.93 7.15 10.06
CA VAL A 113 -24.30 6.13 10.91
C VAL A 113 -23.35 5.29 10.07
N VAL A 114 -22.06 5.21 10.47
CA VAL A 114 -21.00 4.46 9.75
C VAL A 114 -20.70 3.05 10.27
N GLY A 115 -21.14 2.74 11.48
CA GLY A 115 -20.90 1.44 12.10
C GLY A 115 -21.10 1.39 13.59
N GLN A 116 -20.59 0.34 14.24
CA GLN A 116 -20.74 0.13 15.67
C GLN A 116 -19.45 0.21 16.43
N THR A 117 -19.53 0.84 17.62
CA THR A 117 -18.42 1.02 18.54
C THR A 117 -18.70 0.30 19.87
N PHE A 118 -17.88 0.57 20.89
CA PHE A 118 -17.95 -0.09 22.19
C PHE A 118 -19.24 0.16 22.95
N SER A 119 -19.62 1.43 23.03
CA SER A 119 -20.73 1.98 23.80
C SER A 119 -22.03 2.23 23.00
N GLY A 120 -21.96 2.29 21.68
CA GLY A 120 -23.12 2.51 20.81
C GLY A 120 -22.76 2.49 19.33
N ASN A 121 -23.36 3.37 18.54
CA ASN A 121 -23.03 3.46 17.10
C ASN A 121 -22.28 4.75 16.80
N ILE A 122 -21.47 4.78 15.72
CA ILE A 122 -20.81 6.02 15.35
C ILE A 122 -21.74 6.84 14.45
N LYS A 123 -22.05 8.08 14.87
CA LYS A 123 -22.89 8.98 14.09
C LYS A 123 -22.13 10.24 13.72
N ILE A 124 -22.38 10.72 12.49
CA ILE A 124 -21.78 11.96 11.98
C ILE A 124 -22.93 12.93 11.61
N ASP A 125 -22.98 14.14 12.22
CA ASP A 125 -23.97 15.15 11.85
C ASP A 125 -23.22 16.05 10.89
N LEU A 126 -23.63 16.08 9.61
CA LEU A 126 -22.95 16.87 8.58
C LEU A 126 -23.23 18.39 8.74
N ASN A 127 -24.20 18.74 9.62
CA ASN A 127 -24.41 20.14 9.95
C ASN A 127 -23.32 20.59 10.97
N LYS A 128 -22.77 19.63 11.74
CA LYS A 128 -21.70 19.94 12.67
C LYS A 128 -20.29 19.68 12.04
N SER A 129 -20.06 18.45 11.53
CA SER A 129 -18.82 17.97 10.89
C SER A 129 -19.10 17.74 9.39
N PRO A 130 -18.87 18.76 8.52
CA PRO A 130 -19.36 18.65 7.14
C PRO A 130 -18.59 17.78 6.14
N HIS A 131 -17.34 17.37 6.40
CA HIS A 131 -16.55 16.60 5.42
C HIS A 131 -15.88 15.39 6.02
N ILE A 132 -15.85 14.28 5.27
CA ILE A 132 -15.32 13.00 5.75
C ILE A 132 -14.15 12.53 4.89
N LEU A 133 -13.04 12.22 5.54
CA LEU A 133 -11.85 11.67 4.92
C LEU A 133 -11.74 10.21 5.42
N SER A 134 -11.95 9.27 4.50
CA SER A 134 -11.87 7.83 4.73
C SER A 134 -10.55 7.36 4.08
N ALA A 135 -9.73 6.59 4.80
CA ALA A 135 -8.43 6.12 4.30
C ALA A 135 -8.13 4.68 4.69
N GLY A 136 -7.55 3.94 3.77
CA GLY A 136 -7.20 2.54 3.98
C GLY A 136 -6.69 1.83 2.75
N GLU A 137 -5.86 0.79 2.96
CA GLU A 137 -5.26 -0.08 1.92
C GLU A 137 -6.33 -0.72 0.99
N THR A 138 -5.91 -1.28 -0.16
CA THR A 138 -6.84 -1.92 -1.08
C THR A 138 -7.49 -3.11 -0.37
N GLY A 139 -8.82 -3.14 -0.38
CA GLY A 139 -9.61 -4.21 0.25
C GLY A 139 -9.99 -3.98 1.70
N SER A 140 -9.57 -2.82 2.29
CA SER A 140 -9.89 -2.46 3.68
C SER A 140 -11.39 -2.19 3.86
N GLY A 141 -12.01 -1.62 2.83
CA GLY A 141 -13.43 -1.32 2.81
C GLY A 141 -13.72 0.14 3.01
N LYS A 142 -12.79 1.00 2.60
CA LYS A 142 -12.93 2.44 2.69
C LYS A 142 -13.97 2.96 1.69
N SER A 143 -14.15 2.23 0.56
CA SER A 143 -15.17 2.53 -0.44
C SER A 143 -16.54 2.18 0.12
N VAL A 144 -16.68 0.96 0.70
CA VAL A 144 -17.92 0.46 1.33
C VAL A 144 -18.56 1.54 2.26
N ILE A 145 -17.74 2.19 3.09
CA ILE A 145 -18.21 3.19 4.03
C ILE A 145 -18.88 4.30 3.28
N LEU A 146 -18.17 4.87 2.30
CA LEU A 146 -18.58 5.99 1.47
C LEU A 146 -19.88 5.76 0.74
N ARG A 147 -20.04 4.53 0.19
CA ARG A 147 -21.23 4.01 -0.49
C ARG A 147 -22.44 3.99 0.46
N CYS A 148 -22.17 3.68 1.75
CA CYS A 148 -23.14 3.54 2.85
C CYS A 148 -23.57 4.92 3.28
N ILE A 149 -22.61 5.86 3.44
CA ILE A 149 -22.92 7.27 3.76
C ILE A 149 -23.80 7.81 2.64
N LEU A 150 -23.39 7.58 1.37
CA LEU A 150 -24.12 7.96 0.15
C LEU A 150 -25.55 7.37 0.16
N TRP A 151 -25.70 6.06 0.33
CA TRP A 151 -27.03 5.44 0.39
C TRP A 151 -27.97 6.12 1.39
N GLN A 152 -27.46 6.39 2.62
CA GLN A 152 -28.20 7.03 3.71
C GLN A 152 -28.64 8.47 3.31
N LEU A 153 -27.76 9.17 2.58
CA LEU A 153 -28.06 10.50 2.13
C LEU A 153 -29.02 10.49 0.95
N LEU A 154 -28.94 9.46 0.09
CA LEU A 154 -29.88 9.32 -1.03
C LEU A 154 -31.27 9.07 -0.48
N LYS A 155 -31.36 8.22 0.57
CA LYS A 155 -32.59 7.89 1.29
C LYS A 155 -33.15 9.15 1.97
N GLN A 156 -32.24 10.06 2.42
CA GLN A 156 -32.59 11.36 2.99
C GLN A 156 -32.99 12.38 1.90
N GLY A 157 -32.86 11.99 0.63
CA GLY A 157 -33.21 12.78 -0.55
C GLY A 157 -32.23 13.86 -0.93
N ALA A 158 -30.93 13.49 -1.01
CA ALA A 158 -29.86 14.42 -1.35
C ALA A 158 -29.43 14.32 -2.81
N ILE A 159 -28.80 15.38 -3.30
CA ILE A 159 -28.26 15.43 -4.65
C ILE A 159 -26.90 14.75 -4.57
N ALA A 160 -26.62 13.84 -5.49
CA ALA A 160 -25.35 13.16 -5.42
C ALA A 160 -24.53 13.33 -6.65
N TYR A 161 -23.22 13.56 -6.41
CA TYR A 161 -22.18 13.63 -7.42
C TYR A 161 -21.13 12.58 -7.02
N MET A 162 -20.60 11.81 -7.98
CA MET A 162 -19.64 10.74 -7.73
C MET A 162 -18.41 10.86 -8.61
N VAL A 163 -17.22 10.95 -8.01
CA VAL A 163 -15.95 11.12 -8.76
C VAL A 163 -15.07 9.88 -8.68
N ASP A 164 -14.83 9.25 -9.86
CA ASP A 164 -13.99 8.06 -10.09
C ASP A 164 -13.41 8.13 -11.51
N PHE A 165 -12.15 8.60 -11.64
CA PHE A 165 -11.47 8.77 -12.92
C PHE A 165 -11.09 7.47 -13.62
N LYS A 166 -11.20 6.32 -12.91
CA LYS A 166 -10.87 5.00 -13.46
C LYS A 166 -12.08 4.46 -14.24
N GLY A 167 -12.44 5.15 -15.33
CA GLY A 167 -13.59 4.84 -16.19
C GLY A 167 -14.96 4.90 -15.54
N GLY A 168 -15.00 5.16 -14.23
CA GLY A 168 -16.22 5.20 -13.44
C GLY A 168 -16.71 3.80 -13.15
N VAL A 169 -15.77 2.81 -13.07
CA VAL A 169 -16.10 1.40 -12.82
C VAL A 169 -16.59 1.17 -11.38
N GLU A 170 -16.11 1.98 -10.42
CA GLU A 170 -16.50 1.90 -9.01
C GLU A 170 -17.86 2.55 -8.78
N PHE A 171 -18.39 3.24 -9.81
CA PHE A 171 -19.70 3.87 -9.82
C PHE A 171 -20.43 3.48 -11.11
N GLY A 172 -20.94 2.24 -11.09
CA GLY A 172 -21.67 1.57 -12.16
C GLY A 172 -22.97 2.25 -12.58
N LEU A 173 -23.59 1.69 -13.64
CA LEU A 173 -24.81 2.18 -14.28
C LEU A 173 -26.00 2.43 -13.31
N GLU A 174 -26.06 1.71 -12.17
CA GLU A 174 -27.12 1.89 -11.17
C GLU A 174 -26.88 3.17 -10.36
N TYR A 175 -25.59 3.46 -10.07
CA TYR A 175 -25.18 4.67 -9.37
C TYR A 175 -25.50 5.84 -10.27
N GLU A 176 -25.32 5.67 -11.59
CA GLU A 176 -25.60 6.67 -12.61
C GLU A 176 -27.05 7.17 -12.58
N LYS A 177 -28.01 6.27 -12.25
CA LYS A 177 -29.43 6.55 -12.17
C LYS A 177 -29.78 7.47 -11.02
N VAL A 178 -28.98 7.42 -9.96
CA VAL A 178 -29.18 8.17 -8.74
C VAL A 178 -28.49 9.56 -8.77
N GLY A 179 -27.54 9.75 -9.67
CA GLY A 179 -26.81 11.01 -9.76
C GLY A 179 -25.77 11.10 -10.87
N GLN A 180 -25.03 12.21 -10.88
CA GLN A 180 -24.03 12.49 -11.89
C GLN A 180 -22.71 11.79 -11.52
N VAL A 181 -22.17 11.00 -12.46
CA VAL A 181 -20.87 10.32 -12.27
C VAL A 181 -19.79 11.03 -13.15
N ILE A 182 -18.68 11.44 -12.51
CA ILE A 182 -17.57 12.18 -13.14
C ILE A 182 -16.38 11.27 -13.36
N THR A 183 -15.91 11.19 -14.62
CA THR A 183 -14.85 10.26 -15.02
C THR A 183 -13.56 10.90 -15.60
N GLU A 184 -13.61 12.19 -15.97
CA GLU A 184 -12.53 12.95 -16.60
C GLU A 184 -12.29 14.32 -15.95
N VAL A 185 -11.04 14.85 -16.03
CA VAL A 185 -10.64 16.13 -15.44
C VAL A 185 -11.52 17.33 -15.91
N ASP A 186 -12.00 17.33 -17.18
CA ASP A 186 -12.85 18.40 -17.74
C ASP A 186 -14.21 18.41 -17.05
N ALA A 187 -14.80 17.21 -16.83
CA ALA A 187 -16.08 17.05 -16.13
C ALA A 187 -15.93 17.48 -14.67
N ALA A 188 -14.80 17.12 -14.04
CA ALA A 188 -14.48 17.45 -12.65
C ALA A 188 -14.23 18.93 -12.47
N GLU A 189 -13.74 19.61 -13.54
CA GLU A 189 -13.50 21.05 -13.57
C GLU A 189 -14.84 21.74 -13.58
N LYS A 190 -15.75 21.32 -14.50
CA LYS A 190 -17.09 21.88 -14.60
C LYS A 190 -17.84 21.65 -13.27
N LEU A 191 -17.76 20.41 -12.71
CA LEU A 191 -18.42 20.08 -11.44
C LEU A 191 -17.94 20.90 -10.28
N PHE A 192 -16.62 20.94 -10.03
CA PHE A 192 -16.12 21.68 -8.90
C PHE A 192 -16.31 23.20 -9.01
N LYS A 193 -16.35 23.77 -10.26
CA LYS A 193 -16.61 25.20 -10.48
C LYS A 193 -18.04 25.49 -10.06
N TYR A 194 -18.97 24.59 -10.47
CA TYR A 194 -20.39 24.67 -10.17
C TYR A 194 -20.61 24.60 -8.67
N LEU A 195 -19.96 23.64 -8.00
CA LEU A 195 -20.06 23.44 -6.55
C LEU A 195 -19.62 24.67 -5.74
N VAL A 196 -18.60 25.40 -6.23
CA VAL A 196 -18.10 26.62 -5.58
C VAL A 196 -19.10 27.76 -5.78
N ASP A 197 -19.62 27.88 -7.00
CA ASP A 197 -20.62 28.87 -7.36
C ASP A 197 -21.89 28.64 -6.57
N GLU A 198 -22.38 27.37 -6.50
CA GLU A 198 -23.57 26.99 -5.74
C GLU A 198 -23.34 27.26 -4.26
N ASN A 199 -22.16 26.89 -3.72
CA ASN A 199 -21.79 27.15 -2.31
C ASN A 199 -21.88 28.66 -2.01
N ALA A 200 -21.27 29.49 -2.88
CA ALA A 200 -21.30 30.96 -2.78
C ALA A 200 -22.71 31.52 -2.90
N LYS A 201 -23.55 30.89 -3.77
CA LYS A 201 -24.94 31.28 -4.01
C LYS A 201 -25.78 31.13 -2.74
N ARG A 202 -25.60 29.99 -2.06
CA ARG A 202 -26.23 29.62 -0.79
C ARG A 202 -25.62 30.46 0.36
N LEU A 203 -24.31 30.83 0.25
CA LEU A 203 -23.64 31.65 1.26
C LEU A 203 -24.25 33.02 1.41
N LYS A 204 -24.75 33.58 0.30
CA LYS A 204 -25.39 34.88 0.32
C LYS A 204 -26.88 34.74 0.68
N LEU A 205 -27.52 33.63 0.29
CA LEU A 205 -28.91 33.42 0.65
C LEU A 205 -29.03 33.41 2.17
N LEU A 206 -28.05 32.79 2.87
CA LEU A 206 -28.06 32.76 4.33
C LEU A 206 -27.86 34.14 4.89
N ARG A 207 -26.90 34.90 4.32
CA ARG A 207 -26.60 36.28 4.73
C ARG A 207 -27.83 37.17 4.63
N GLU A 208 -28.47 37.16 3.44
CA GLU A 208 -29.63 37.97 3.10
C GLU A 208 -30.87 37.56 3.89
N SER A 209 -31.14 36.23 3.98
CA SER A 209 -32.29 35.66 4.69
C SER A 209 -32.18 35.72 6.21
N GLY A 210 -30.96 35.91 6.74
CA GLY A 210 -30.71 35.94 8.17
C GLY A 210 -30.96 34.57 8.79
N SER A 211 -30.51 33.52 8.09
CA SER A 211 -30.66 32.13 8.51
C SER A 211 -29.27 31.46 8.72
N LYS A 212 -29.12 30.71 9.84
CA LYS A 212 -27.88 30.04 10.23
C LYS A 212 -27.38 29.03 9.18
N ASN A 213 -28.21 28.02 8.83
CA ASN A 213 -27.89 26.96 7.86
C ASN A 213 -28.94 26.92 6.72
N ILE A 214 -28.86 25.89 5.84
CA ILE A 214 -29.80 25.73 4.73
C ILE A 214 -31.22 25.41 5.23
N GLY A 215 -31.31 24.65 6.33
CA GLY A 215 -32.57 24.29 6.97
C GLY A 215 -33.36 25.48 7.50
N GLU A 216 -32.64 26.49 8.03
CA GLU A 216 -33.23 27.71 8.57
C GLU A 216 -33.77 28.63 7.46
N TYR A 217 -33.28 28.47 6.21
CA TYR A 217 -33.73 29.20 5.02
C TYR A 217 -34.91 28.46 4.40
N ASN A 218 -34.84 27.10 4.34
CA ASN A 218 -35.88 26.23 3.76
C ASN A 218 -37.23 26.39 4.45
N LYS A 219 -37.20 26.79 5.74
CA LYS A 219 -38.40 27.05 6.52
C LYS A 219 -38.83 28.51 6.37
N LYS A 220 -38.24 29.23 5.40
CA LYS A 220 -38.54 30.64 5.09
C LYS A 220 -38.94 30.83 3.64
N PHE A 221 -38.63 29.84 2.77
CA PHE A 221 -38.95 29.88 1.34
C PHE A 221 -39.41 28.50 0.86
N GLU A 222 -40.75 28.35 0.70
CA GLU A 222 -41.49 27.15 0.30
C GLU A 222 -40.94 26.47 -0.98
N GLY A 223 -41.42 26.90 -2.15
CA GLY A 223 -41.05 26.30 -3.43
C GLY A 223 -39.63 26.52 -3.90
N GLU A 224 -38.74 27.04 -3.00
CA GLU A 224 -37.31 27.35 -3.27
C GLU A 224 -36.34 26.58 -2.35
N GLU A 225 -36.79 25.42 -1.81
CA GLU A 225 -36.03 24.57 -0.89
C GLU A 225 -34.75 24.03 -1.49
N LEU A 226 -33.63 24.19 -0.76
CA LEU A 226 -32.31 23.77 -1.17
C LEU A 226 -32.07 22.36 -0.67
N LYS A 227 -31.71 21.44 -1.56
CA LYS A 227 -31.41 20.08 -1.13
C LYS A 227 -29.91 19.95 -0.81
N ARG A 228 -29.53 19.03 0.10
CA ARG A 228 -28.15 18.71 0.48
C ARG A 228 -27.40 18.15 -0.73
N ILE A 229 -26.12 18.53 -0.89
CA ILE A 229 -25.32 18.00 -1.97
C ILE A 229 -24.22 17.12 -1.42
N ILE A 230 -24.24 15.84 -1.80
CA ILE A 230 -23.25 14.86 -1.40
C ILE A 230 -22.33 14.59 -2.58
N VAL A 231 -21.05 14.98 -2.45
CA VAL A 231 -20.09 14.74 -3.51
C VAL A 231 -18.97 13.82 -2.95
N VAL A 232 -18.96 12.57 -3.45
CA VAL A 232 -18.04 11.52 -3.06
C VAL A 232 -16.91 11.33 -4.06
N ILE A 233 -15.68 11.41 -3.56
CA ILE A 233 -14.44 11.27 -4.33
C ILE A 233 -13.77 9.95 -3.97
N ASP A 234 -13.71 9.00 -4.93
CA ASP A 234 -13.14 7.65 -4.73
C ASP A 234 -11.65 7.67 -4.39
N GLU A 235 -10.90 8.54 -5.07
CA GLU A 235 -9.48 8.68 -4.80
C GLU A 235 -9.12 10.13 -4.88
N LEU A 236 -8.80 10.72 -3.73
CA LEU A 236 -8.38 12.12 -3.69
C LEU A 236 -7.24 12.38 -4.69
N ALA A 237 -6.28 11.45 -4.79
CA ALA A 237 -5.10 11.53 -5.67
C ALA A 237 -5.41 11.79 -7.17
N GLU A 238 -6.63 11.43 -7.63
CA GLU A 238 -7.03 11.64 -9.02
C GLU A 238 -7.20 13.16 -9.29
N LEU A 239 -7.53 13.92 -8.25
CA LEU A 239 -7.71 15.37 -8.26
C LEU A 239 -6.45 16.06 -7.72
N MET A 240 -5.76 15.42 -6.75
CA MET A 240 -4.56 15.99 -6.11
C MET A 240 -3.26 15.77 -6.87
N ASP A 241 -2.76 14.51 -6.96
CA ASP A 241 -1.51 14.11 -7.62
C ASP A 241 -1.42 14.57 -9.10
N LYS A 242 -0.73 15.72 -9.32
CA LYS A 242 -0.56 16.38 -10.63
C LYS A 242 0.61 15.84 -11.50
N THR A 243 1.45 14.97 -10.93
CA THR A 243 2.61 14.34 -11.57
C THR A 243 2.25 13.47 -12.82
N GLY A 244 2.85 13.80 -13.97
CA GLY A 244 2.72 13.04 -15.21
C GLY A 244 1.79 13.56 -16.29
N VAL A 245 0.73 14.26 -15.89
CA VAL A 245 -0.32 14.77 -16.79
C VAL A 245 0.19 15.90 -17.74
N ASP A 246 -0.66 16.26 -18.73
CA ASP A 246 -0.37 17.29 -19.74
C ASP A 246 -0.29 18.69 -19.16
N ASP A 247 0.48 19.55 -19.85
CA ASP A 247 0.70 20.97 -19.51
C ASP A 247 -0.62 21.72 -19.30
N GLU A 248 -1.62 21.41 -20.15
CA GLU A 248 -2.96 21.98 -20.07
C GLU A 248 -3.81 21.23 -19.03
N THR A 249 -3.53 19.93 -18.81
CA THR A 249 -4.29 19.12 -17.87
C THR A 249 -3.94 19.48 -16.40
N ARG A 250 -2.68 19.87 -16.12
CA ARG A 250 -2.29 20.21 -14.74
C ARG A 250 -2.81 21.59 -14.30
N ALA A 251 -3.13 22.49 -15.26
CA ALA A 251 -3.75 23.79 -14.97
C ALA A 251 -5.22 23.50 -14.58
N LYS A 252 -5.80 22.46 -15.20
CA LYS A 252 -7.14 22.00 -14.86
C LYS A 252 -7.16 21.43 -13.43
N LEU A 253 -6.20 20.53 -13.08
CA LEU A 253 -6.05 19.94 -11.73
C LEU A 253 -5.78 20.98 -10.64
N VAL A 254 -5.04 22.05 -10.98
CA VAL A 254 -4.71 23.11 -10.02
C VAL A 254 -5.93 24.03 -9.81
N ARG A 255 -6.89 23.98 -10.75
CA ARG A 255 -8.14 24.70 -10.61
C ARG A 255 -9.06 23.87 -9.70
N ILE A 256 -9.13 22.51 -9.93
CA ILE A 256 -9.93 21.54 -9.15
C ILE A 256 -9.52 21.65 -7.69
N GLU A 257 -8.19 21.73 -7.45
CA GLU A 257 -7.55 21.86 -6.12
C GLU A 257 -7.89 23.23 -5.50
N GLY A 258 -8.04 24.24 -6.34
CA GLY A 258 -8.43 25.56 -5.89
C GLY A 258 -9.84 25.51 -5.35
N TYR A 259 -10.78 25.02 -6.18
CA TYR A 259 -12.20 24.86 -5.87
C TYR A 259 -12.46 23.94 -4.65
N THR A 260 -11.75 22.79 -4.56
CA THR A 260 -11.88 21.83 -3.46
C THR A 260 -11.57 22.45 -2.09
N SER A 261 -10.44 23.18 -2.01
CA SER A 261 -9.98 23.90 -0.82
C SER A 261 -11.08 24.88 -0.37
N THR A 262 -11.60 25.65 -1.34
CA THR A 262 -12.64 26.65 -1.24
C THR A 262 -13.97 26.02 -0.79
N LEU A 263 -14.27 24.79 -1.26
CA LEU A 263 -15.48 24.07 -0.89
C LEU A 263 -15.39 23.63 0.56
N ALA A 264 -14.30 22.91 0.92
CA ALA A 264 -14.11 22.41 2.29
C ALA A 264 -14.09 23.54 3.35
N ARG A 265 -13.47 24.69 3.04
CA ARG A 265 -13.37 25.85 3.94
C ARG A 265 -14.67 26.54 4.26
N LEU A 266 -15.53 26.80 3.25
CA LEU A 266 -16.73 27.61 3.45
C LEU A 266 -18.07 26.89 3.29
N SER A 267 -18.09 25.56 3.39
CA SER A 267 -19.38 24.92 3.24
C SER A 267 -19.86 24.16 4.49
N ARG A 268 -19.82 24.81 5.67
CA ARG A 268 -20.35 24.12 6.86
C ARG A 268 -21.90 24.29 6.94
N ALA A 269 -22.39 25.50 6.65
CA ALA A 269 -23.79 25.84 6.71
C ALA A 269 -24.56 25.67 5.37
N THR A 270 -23.85 25.57 4.23
CA THR A 270 -24.47 25.50 2.91
C THR A 270 -24.91 24.12 2.50
N GLY A 271 -24.71 23.12 3.35
CA GLY A 271 -25.17 21.76 3.07
C GLY A 271 -24.55 21.09 1.86
N ILE A 272 -23.28 21.38 1.57
CA ILE A 272 -22.52 20.73 0.50
C ILE A 272 -21.42 19.95 1.22
N ASN A 273 -21.44 18.63 1.06
CA ASN A 273 -20.54 17.72 1.75
C ASN A 273 -19.64 16.90 0.84
N LEU A 274 -18.38 16.80 1.26
CA LEU A 274 -17.36 16.06 0.56
C LEU A 274 -17.01 14.78 1.33
N CYS A 275 -17.11 13.63 0.65
CA CYS A 275 -16.72 12.33 1.20
C CYS A 275 -15.65 11.77 0.33
N ILE A 276 -14.43 11.82 0.86
CA ILE A 276 -13.21 11.51 0.14
C ILE A 276 -12.56 10.26 0.66
N GLY A 277 -12.23 9.37 -0.27
CA GLY A 277 -11.46 8.16 -0.03
C GLY A 277 -10.01 8.39 -0.42
N VAL A 278 -9.06 7.82 0.36
CA VAL A 278 -7.62 7.92 0.09
C VAL A 278 -7.00 6.56 0.30
N GLN A 279 -6.35 6.00 -0.75
CA GLN A 279 -5.68 4.70 -0.68
C GLN A 279 -4.31 4.88 -0.06
N ARG A 280 -3.49 5.79 -0.64
CA ARG A 280 -2.11 6.06 -0.24
C ARG A 280 -1.91 7.44 0.45
N PRO A 281 -1.97 7.49 1.81
CA PRO A 281 -1.81 8.77 2.53
C PRO A 281 -0.45 9.45 2.32
N ASP A 282 -0.48 10.54 1.57
CA ASP A 282 0.65 11.35 1.13
C ASP A 282 0.28 12.78 1.45
N ALA A 283 1.30 13.58 1.86
CA ALA A 283 1.18 15.00 2.24
C ALA A 283 0.90 15.91 1.04
N LYS A 284 1.19 15.38 -0.16
CA LYS A 284 0.96 16.02 -1.45
C LYS A 284 -0.54 15.89 -1.86
N VAL A 285 -1.27 14.90 -1.24
CA VAL A 285 -2.66 14.51 -1.46
C VAL A 285 -3.52 15.03 -0.28
N ILE A 286 -3.19 14.59 0.96
CA ILE A 286 -3.87 15.04 2.17
C ILE A 286 -3.09 16.25 2.69
N THR A 287 -3.24 17.36 1.95
CA THR A 287 -2.64 18.66 2.20
C THR A 287 -3.22 19.21 3.50
N GLY A 288 -2.50 20.12 4.15
CA GLY A 288 -2.93 20.81 5.37
C GLY A 288 -4.21 21.62 5.18
N GLN A 289 -4.47 22.03 3.91
CA GLN A 289 -5.69 22.75 3.48
C GLN A 289 -6.85 21.75 3.52
N ILE A 290 -6.58 20.47 3.11
CA ILE A 290 -7.57 19.40 3.17
C ILE A 290 -7.77 19.00 4.63
N LYS A 291 -6.67 18.87 5.41
CA LYS A 291 -6.65 18.50 6.83
C LYS A 291 -7.39 19.50 7.73
N ASN A 292 -7.08 20.79 7.59
CA ASN A 292 -7.67 21.85 8.40
C ASN A 292 -9.17 21.97 8.18
N ASN A 293 -9.64 21.59 6.98
CA ASN A 293 -11.04 21.81 6.60
C ASN A 293 -11.91 20.54 6.45
N VAL A 294 -11.34 19.31 6.55
CA VAL A 294 -12.10 18.05 6.57
C VAL A 294 -12.00 17.50 8.00
N PRO A 295 -13.07 17.69 8.82
CA PRO A 295 -12.99 17.29 10.24
C PRO A 295 -13.09 15.80 10.57
N VAL A 296 -13.85 15.01 9.76
CA VAL A 296 -14.07 13.57 10.01
C VAL A 296 -12.96 12.72 9.39
N ARG A 297 -12.35 11.86 10.23
CA ARG A 297 -11.26 10.98 9.80
C ARG A 297 -11.59 9.53 10.08
N ILE A 298 -11.61 8.71 9.02
CA ILE A 298 -11.84 7.28 9.11
C ILE A 298 -10.53 6.63 8.69
N CYS A 299 -9.97 5.76 9.53
CA CYS A 299 -8.67 5.19 9.21
C CYS A 299 -8.55 3.68 9.38
N GLY A 300 -8.13 3.02 8.31
CA GLY A 300 -7.88 1.59 8.31
C GLY A 300 -6.51 1.27 8.88
N ARG A 301 -6.17 -0.03 8.96
CA ARG A 301 -4.87 -0.43 9.51
C ARG A 301 -3.76 -0.02 8.57
N PHE A 302 -2.89 0.85 9.07
CA PHE A 302 -1.75 1.29 8.32
C PHE A 302 -0.49 0.87 9.02
N ALA A 303 0.16 -0.13 8.41
CA ALA A 303 1.41 -0.77 8.83
C ALA A 303 2.45 0.27 9.23
N ASP A 304 2.57 1.37 8.44
CA ASP A 304 3.47 2.49 8.69
C ASP A 304 2.89 3.51 9.70
N SER A 305 3.79 4.12 10.48
CA SER A 305 3.48 5.18 11.45
C SER A 305 3.37 6.53 10.73
N LYS A 306 4.07 6.69 9.59
CA LYS A 306 4.08 7.92 8.77
C LYS A 306 2.74 8.20 8.07
N ALA A 307 2.05 7.13 7.58
CA ALA A 307 0.77 7.22 6.86
C ALA A 307 -0.40 7.51 7.83
N SER A 308 -0.29 7.01 9.09
CA SER A 308 -1.25 7.21 10.17
C SER A 308 -1.17 8.67 10.65
N GLU A 309 0.05 9.22 10.83
CA GLU A 309 0.21 10.63 11.22
C GLU A 309 -0.40 11.57 10.15
N ILE A 310 -0.26 11.22 8.85
CA ILE A 310 -0.81 12.01 7.73
C ILE A 310 -2.33 12.09 7.84
N VAL A 311 -3.00 10.97 8.20
CA VAL A 311 -4.45 10.87 8.33
C VAL A 311 -4.96 11.36 9.70
N LEU A 312 -4.70 10.57 10.75
CA LEU A 312 -5.19 10.80 12.12
C LEU A 312 -4.42 11.81 12.94
N SER A 313 -3.19 12.19 12.52
CA SER A 313 -2.29 13.05 13.31
C SER A 313 -1.96 12.36 14.65
N ASN A 314 -1.58 11.07 14.53
CA ASN A 314 -1.19 10.12 15.56
C ASN A 314 -0.80 8.81 14.89
N THR A 315 -0.21 7.88 15.64
CA THR A 315 0.27 6.58 15.14
C THR A 315 -0.61 5.42 15.68
N LYS A 316 -1.93 5.64 15.73
CA LYS A 316 -2.88 4.66 16.27
C LYS A 316 -3.30 3.57 15.26
N ALA A 317 -3.33 3.88 13.95
CA ALA A 317 -3.73 2.93 12.88
C ALA A 317 -2.88 1.65 12.80
N LYS A 318 -1.61 1.71 13.25
CA LYS A 318 -0.71 0.55 13.24
C LYS A 318 -1.08 -0.54 14.28
N ASP A 319 -1.90 -0.17 15.28
CA ASP A 319 -2.33 -1.09 16.36
C ASP A 319 -3.73 -1.66 16.12
N LEU A 320 -4.29 -1.47 14.93
CA LEU A 320 -5.63 -1.98 14.65
C LEU A 320 -5.70 -3.49 14.57
N PRO A 321 -6.58 -4.18 15.36
CA PRO A 321 -6.72 -5.62 15.18
C PRO A 321 -7.07 -5.97 13.72
N GLU A 322 -6.40 -6.98 13.12
CA GLU A 322 -6.63 -7.31 11.70
C GLU A 322 -8.02 -7.94 11.46
N VAL A 323 -9.06 -7.11 11.41
CA VAL A 323 -10.46 -7.49 11.22
C VAL A 323 -11.05 -6.67 10.05
N LYS A 324 -11.52 -7.34 8.98
CA LYS A 324 -12.12 -6.72 7.79
C LYS A 324 -13.26 -5.84 8.18
N GLY A 325 -13.07 -4.54 7.95
CA GLY A 325 -14.06 -3.51 8.26
C GLY A 325 -13.84 -2.83 9.58
N ARG A 326 -12.72 -3.15 10.27
CA ARG A 326 -12.37 -2.53 11.54
C ARG A 326 -11.52 -1.30 11.24
N PHE A 327 -12.09 -0.14 11.59
CA PHE A 327 -11.52 1.18 11.37
C PHE A 327 -11.31 1.94 12.65
N LEU A 328 -10.64 3.04 12.49
CA LEU A 328 -10.45 4.03 13.51
C LEU A 328 -11.28 5.22 13.06
N PHE A 329 -11.73 6.00 14.03
CA PHE A 329 -12.56 7.17 13.82
C PHE A 329 -12.04 8.34 14.62
N LYS A 330 -11.71 9.44 13.97
CA LYS A 330 -11.27 10.63 14.66
C LYS A 330 -12.15 11.81 14.29
N LEU A 331 -12.53 12.59 15.30
CA LEU A 331 -13.29 13.82 15.16
C LEU A 331 -12.83 14.76 16.27
N GLY A 332 -12.19 15.85 15.88
CA GLY A 332 -11.60 16.78 16.81
C GLY A 332 -10.36 16.13 17.39
N ALA A 333 -10.23 16.17 18.73
CA ALA A 333 -9.10 15.63 19.49
C ALA A 333 -9.12 14.12 19.71
N ASP A 334 -10.30 13.56 20.05
CA ASP A 334 -10.49 12.15 20.36
C ASP A 334 -10.50 11.20 19.14
N THR A 335 -9.89 10.00 19.32
CA THR A 335 -9.80 8.94 18.30
C THR A 335 -10.30 7.63 18.92
N VAL A 336 -11.35 7.04 18.28
CA VAL A 336 -12.09 5.87 18.73
C VAL A 336 -12.09 4.70 17.69
N GLN A 337 -12.25 3.44 18.17
CA GLN A 337 -12.26 2.20 17.37
C GLN A 337 -13.70 1.76 17.02
N PHE A 338 -13.95 1.51 15.71
CA PHE A 338 -15.29 1.07 15.29
C PHE A 338 -15.29 0.06 14.18
N GLN A 339 -16.35 -0.76 14.14
CA GLN A 339 -16.55 -1.74 13.09
C GLN A 339 -17.53 -1.16 12.08
N ALA A 340 -17.01 -0.84 10.89
CA ALA A 340 -17.81 -0.30 9.79
C ALA A 340 -18.84 -1.33 9.28
N PHE A 341 -20.10 -0.88 9.08
CA PHE A 341 -21.17 -1.72 8.55
C PHE A 341 -20.71 -2.21 7.17
N TYR A 342 -21.11 -3.42 6.79
CA TYR A 342 -20.76 -3.91 5.47
C TYR A 342 -21.91 -3.59 4.56
N PHE A 343 -21.65 -2.69 3.63
CA PHE A 343 -22.62 -2.22 2.65
C PHE A 343 -22.37 -2.94 1.34
N ASP A 344 -23.19 -3.93 1.06
CA ASP A 344 -23.12 -4.73 -0.15
C ASP A 344 -23.94 -4.06 -1.26
N ASP A 345 -23.25 -3.53 -2.29
CA ASP A 345 -23.83 -2.86 -3.46
C ASP A 345 -24.93 -3.70 -4.11
N ASP A 346 -24.62 -4.98 -4.40
CA ASP A 346 -25.52 -5.91 -5.02
C ASP A 346 -26.41 -6.64 -3.99
N LYS A 347 -26.80 -5.91 -2.92
CA LYS A 347 -27.66 -6.39 -1.82
C LYS A 347 -28.49 -5.27 -1.20
N HIS A 348 -27.88 -4.06 -1.01
CA HIS A 348 -28.41 -2.85 -0.34
C HIS A 348 -28.66 -1.64 -1.25
N PHE A 349 -27.92 -1.51 -2.36
CA PHE A 349 -28.10 -0.38 -3.26
C PHE A 349 -29.22 -0.67 -4.25
N ILE A 350 -30.41 -0.14 -3.93
CA ILE A 350 -31.65 -0.28 -4.69
C ILE A 350 -31.91 1.13 -5.27
N PRO A 351 -31.43 1.44 -6.51
CA PRO A 351 -31.60 2.80 -7.05
C PRO A 351 -33.04 3.28 -7.28
N ASN A 352 -33.98 2.35 -7.56
CA ASN A 352 -35.39 2.72 -7.79
C ASN A 352 -36.09 3.19 -6.51
N LYS A 353 -35.61 2.78 -5.32
CA LYS A 353 -36.16 3.21 -4.02
C LYS A 353 -35.90 4.71 -3.78
N ILE A 354 -34.83 5.23 -4.39
CA ILE A 354 -34.42 6.64 -4.32
C ILE A 354 -35.17 7.46 -5.38
N LEU A 355 -35.45 6.87 -6.56
CA LEU A 355 -36.18 7.53 -7.64
C LEU A 355 -37.65 7.75 -7.25
N LYS A 356 -38.22 6.84 -6.40
CA LYS A 356 -39.58 6.94 -5.87
C LYS A 356 -39.70 8.19 -5.00
N LEU A 357 -38.62 8.55 -4.27
CA LEU A 357 -38.53 9.74 -3.43
C LEU A 357 -38.67 11.03 -4.27
N ARG A 358 -39.54 11.94 -3.83
CA ARG A 358 -39.85 13.22 -4.49
C ARG A 358 -40.36 14.26 -3.48
N GLU B 5 22.21 -9.14 28.48
CA GLU B 5 22.89 -9.69 29.66
C GLU B 5 23.34 -11.14 29.39
N ASP B 6 22.40 -12.00 28.93
CA ASP B 6 22.62 -13.43 28.68
C ASP B 6 22.17 -13.90 27.24
N LYS B 7 22.33 -15.24 26.98
CA LYS B 7 22.00 -16.05 25.78
C LYS B 7 22.95 -15.80 24.58
N ARG B 8 22.63 -14.81 23.70
CA ARG B 8 23.44 -14.44 22.53
C ARG B 8 24.78 -13.83 23.01
N ASN B 9 24.74 -13.11 24.15
CA ASN B 9 25.89 -12.46 24.76
C ASN B 9 26.93 -13.47 25.23
N ALA B 10 26.47 -14.58 25.80
CA ALA B 10 27.33 -15.68 26.27
C ALA B 10 27.85 -16.49 25.08
N GLU B 11 27.01 -16.65 24.02
CA GLU B 11 27.34 -17.38 22.78
C GLU B 11 28.55 -16.72 22.11
N TYR B 12 28.39 -15.40 21.83
CA TYR B 12 29.37 -14.50 21.24
C TYR B 12 30.64 -14.46 22.08
N ARG B 13 30.51 -14.18 23.41
CA ARG B 13 31.64 -14.07 24.32
C ARG B 13 32.48 -15.31 24.33
N LEU B 14 31.86 -16.51 24.42
CA LEU B 14 32.59 -17.78 24.39
C LEU B 14 33.31 -17.99 23.06
N ALA B 15 32.63 -17.70 21.91
CA ALA B 15 33.19 -17.79 20.56
C ALA B 15 34.43 -16.90 20.46
N PHE B 16 34.31 -15.59 20.88
CA PHE B 16 35.40 -14.58 20.94
C PHE B 16 36.56 -15.02 21.84
N GLU B 17 36.21 -15.63 22.98
CA GLU B 17 37.18 -16.16 23.93
C GLU B 17 37.97 -17.30 23.27
N GLN B 18 37.27 -18.18 22.54
CA GLN B 18 37.87 -19.34 21.87
C GLN B 18 38.69 -18.91 20.67
N LEU B 19 38.34 -17.76 20.09
CA LEU B 19 39.03 -17.21 18.92
C LEU B 19 40.19 -16.35 19.38
N ASN B 20 40.17 -16.00 20.67
CA ASN B 20 41.10 -15.09 21.31
C ASN B 20 41.11 -13.75 20.56
N PHE B 21 39.88 -13.26 20.18
CA PHE B 21 39.60 -12.00 19.46
C PHE B 21 39.26 -11.03 20.58
N VAL B 22 40.31 -10.35 21.05
CA VAL B 22 40.28 -9.54 22.24
C VAL B 22 40.74 -8.06 22.04
N GLY B 23 41.89 -7.80 21.42
CA GLY B 23 42.38 -6.43 21.19
C GLY B 23 42.54 -5.47 22.37
N ALA B 24 43.58 -4.63 22.28
CA ALA B 24 44.06 -3.55 23.16
C ALA B 24 43.81 -3.74 24.67
N ASP B 25 42.56 -3.50 25.17
CA ASP B 25 42.25 -3.64 26.61
C ASP B 25 42.10 -5.12 27.05
N SER B 26 42.45 -6.08 26.15
CA SER B 26 42.40 -7.54 26.33
C SER B 26 41.01 -8.04 26.74
N LYS B 27 39.98 -7.29 26.29
CA LYS B 27 38.57 -7.51 26.54
C LYS B 27 37.89 -7.85 25.21
N THR B 28 37.10 -8.93 25.18
CA THR B 28 36.34 -9.35 24.01
C THR B 28 35.23 -8.32 23.64
N PRO B 29 34.92 -8.16 22.31
CA PRO B 29 33.89 -7.15 21.93
C PRO B 29 32.52 -7.35 22.58
N ILE B 30 31.85 -6.24 22.88
CA ILE B 30 30.56 -6.25 23.55
C ILE B 30 29.43 -5.96 22.59
N LEU B 31 28.44 -6.87 22.60
CA LEU B 31 27.25 -6.80 21.79
C LEU B 31 26.36 -5.66 22.24
N LYS B 32 26.47 -4.52 21.53
CA LYS B 32 25.69 -3.29 21.77
C LYS B 32 24.23 -3.48 21.37
N SER B 33 23.99 -3.99 20.12
CA SER B 33 22.66 -4.22 19.56
C SER B 33 22.62 -5.23 18.43
N PHE B 34 21.83 -6.29 18.61
CA PHE B 34 21.60 -7.28 17.57
C PHE B 34 20.16 -6.99 17.13
N ILE B 35 19.98 -6.29 15.97
CA ILE B 35 18.63 -5.92 15.53
C ILE B 35 18.28 -6.55 14.17
N GLU B 36 17.30 -7.46 14.21
CA GLU B 36 16.84 -8.30 13.10
C GLU B 36 15.93 -7.64 12.09
N ASP B 37 16.04 -8.10 10.82
CA ASP B 37 15.15 -7.74 9.72
C ASP B 37 14.52 -9.05 9.32
N LYS B 38 13.27 -9.24 9.78
CA LYS B 38 12.46 -10.44 9.60
C LYS B 38 12.15 -10.76 8.13
N GLY B 39 12.03 -9.72 7.30
CA GLY B 39 11.70 -9.84 5.89
C GLY B 39 12.86 -10.19 4.99
N THR B 40 13.97 -9.44 5.12
CA THR B 40 15.17 -9.61 4.29
C THR B 40 16.11 -10.64 4.86
N ARG B 41 16.04 -10.84 6.21
CA ARG B 41 16.87 -11.73 7.03
C ARG B 41 18.32 -11.22 7.17
N ILE B 42 18.52 -9.88 6.97
CA ILE B 42 19.81 -9.20 7.06
C ILE B 42 19.82 -8.49 8.41
N ASP B 43 20.44 -9.13 9.41
CA ASP B 43 20.47 -8.61 10.76
C ASP B 43 21.63 -7.64 10.93
N GLU B 44 21.50 -6.73 11.90
CA GLU B 44 22.52 -5.72 12.19
C GLU B 44 23.10 -5.95 13.58
N ILE B 45 24.38 -6.28 13.61
CA ILE B 45 25.10 -6.54 14.85
C ILE B 45 26.06 -5.42 15.16
N THR B 46 25.85 -4.74 16.31
CA THR B 46 26.72 -3.64 16.69
C THR B 46 27.61 -4.07 17.86
N PHE B 47 28.93 -3.87 17.72
CA PHE B 47 29.88 -4.24 18.76
C PHE B 47 30.70 -3.09 19.24
N GLU B 48 31.05 -3.13 20.53
CA GLU B 48 31.95 -2.18 21.17
C GLU B 48 33.22 -2.93 21.54
N SER B 49 34.38 -2.55 20.94
CA SER B 49 35.68 -3.19 21.14
C SER B 49 36.85 -2.24 20.94
N MET B 50 38.05 -2.75 21.26
CA MET B 50 39.31 -2.05 21.11
C MET B 50 40.15 -2.71 20.00
N ILE B 51 39.44 -3.46 19.11
CA ILE B 51 39.92 -4.17 17.91
C ILE B 51 39.68 -3.23 16.67
N PRO B 52 40.74 -2.83 15.94
CA PRO B 52 40.52 -1.94 14.79
C PRO B 52 39.68 -2.61 13.73
N ILE B 53 38.89 -1.80 13.01
CA ILE B 53 38.05 -2.21 11.88
C ILE B 53 38.81 -3.12 10.91
N GLU B 54 40.06 -2.75 10.60
CA GLU B 54 40.91 -3.51 9.70
C GLU B 54 41.13 -4.94 10.16
N THR B 55 41.14 -5.20 11.50
CA THR B 55 41.32 -6.55 12.06
C THR B 55 40.02 -7.34 11.95
N TRP B 56 38.89 -6.65 12.18
CA TRP B 56 37.54 -7.20 12.10
C TRP B 56 37.34 -7.82 10.70
N LYS B 57 37.77 -7.05 9.67
CA LYS B 57 37.70 -7.38 8.24
C LYS B 57 38.60 -8.54 7.97
N SER B 58 39.80 -8.50 8.56
CA SER B 58 40.84 -9.52 8.48
C SER B 58 40.30 -10.89 8.96
N TYR B 59 39.55 -10.87 10.08
CA TYR B 59 38.96 -12.05 10.71
C TYR B 59 37.60 -12.40 10.19
N ILE B 60 37.22 -11.97 8.97
CA ILE B 60 35.89 -12.33 8.43
C ILE B 60 35.72 -13.88 8.39
N PRO B 61 36.68 -14.69 7.88
CA PRO B 61 36.49 -16.14 7.90
C PRO B 61 36.18 -16.67 9.29
N GLN B 62 37.08 -16.41 10.27
CA GLN B 62 36.98 -16.78 11.68
C GLN B 62 35.67 -16.35 12.34
N LEU B 63 35.30 -15.08 12.18
CA LEU B 63 34.06 -14.56 12.72
C LEU B 63 32.87 -15.28 12.14
N GLN B 64 32.84 -15.50 10.79
CA GLN B 64 31.77 -16.24 10.11
C GLN B 64 31.58 -17.65 10.70
N THR B 65 32.66 -18.45 10.77
CA THR B 65 32.66 -19.83 11.31
C THR B 65 32.29 -19.83 12.79
N SER B 66 32.93 -18.96 13.60
CA SER B 66 32.73 -18.85 15.05
C SER B 66 31.35 -18.38 15.47
N LEU B 67 30.63 -17.62 14.61
CA LEU B 67 29.29 -17.09 14.94
C LEU B 67 28.14 -17.68 14.07
N ASN B 68 28.49 -18.51 13.06
CA ASN B 68 27.58 -19.10 12.08
C ASN B 68 26.75 -18.00 11.42
N ILE B 69 27.48 -17.04 10.84
CA ILE B 69 26.92 -15.90 10.12
C ILE B 69 27.63 -15.74 8.76
N SER B 70 26.96 -15.05 7.87
CA SER B 70 27.47 -14.71 6.55
C SER B 70 27.59 -13.18 6.61
N ILE B 71 28.82 -12.63 6.64
CA ILE B 71 29.06 -11.18 6.71
C ILE B 71 28.91 -10.54 5.33
N ILE B 72 28.01 -9.55 5.25
CA ILE B 72 27.75 -8.73 4.05
C ILE B 72 28.69 -7.51 4.14
N SER B 73 28.67 -6.77 5.28
CA SER B 73 29.58 -5.64 5.49
C SER B 73 29.99 -5.45 6.94
N ILE B 74 31.06 -4.67 7.15
CA ILE B 74 31.55 -4.19 8.45
C ILE B 74 31.94 -2.74 8.23
N GLU B 75 31.33 -1.85 8.97
CA GLU B 75 31.62 -0.41 8.92
C GLU B 75 31.80 0.14 10.34
N GLN B 76 32.44 1.30 10.44
CA GLN B 76 32.68 1.95 11.71
C GLN B 76 31.47 2.82 12.09
N GLY B 77 31.19 2.86 13.39
CA GLY B 77 30.08 3.61 13.94
C GLY B 77 30.48 4.97 14.46
N ALA B 78 29.74 5.44 15.51
CA ALA B 78 29.90 6.72 16.20
C ALA B 78 31.30 7.00 16.65
N SER B 79 32.06 5.94 16.94
CA SER B 79 33.47 5.97 17.34
C SER B 79 34.23 4.85 16.67
N LYS B 80 35.57 4.95 16.69
CA LYS B 80 36.54 3.99 16.13
C LYS B 80 36.54 2.70 16.96
N ARG B 81 35.73 2.68 18.04
CA ARG B 81 35.50 1.56 18.96
C ARG B 81 34.16 0.86 18.71
N ILE B 82 33.46 1.20 17.63
CA ILE B 82 32.15 0.62 17.31
C ILE B 82 32.19 0.11 15.88
N VAL B 83 31.72 -1.14 15.70
CA VAL B 83 31.60 -1.81 14.40
C VAL B 83 30.16 -2.27 14.19
N ILE B 84 29.57 -1.84 13.06
CA ILE B 84 28.25 -2.29 12.62
C ILE B 84 28.41 -3.38 11.56
N ILE B 85 27.98 -4.58 11.89
CA ILE B 85 28.07 -5.72 11.00
C ILE B 85 26.70 -6.02 10.43
N LYS B 86 26.62 -6.12 9.08
CA LYS B 86 25.36 -6.49 8.42
C LYS B 86 25.55 -7.92 7.96
N SER B 87 24.77 -8.83 8.54
CA SER B 87 24.93 -10.25 8.28
C SER B 87 23.62 -10.98 8.04
N MET B 88 23.74 -12.26 7.76
CA MET B 88 22.59 -13.13 7.59
C MET B 88 22.96 -14.37 8.30
N ALA B 89 22.07 -14.82 9.22
CA ALA B 89 22.25 -16.07 9.99
C ALA B 89 22.52 -17.23 9.04
N GLY B 90 23.31 -18.19 9.51
CA GLY B 90 23.65 -19.39 8.75
C GLY B 90 22.44 -20.21 8.30
N ASP B 91 21.32 -20.05 9.04
CA ASP B 91 20.05 -20.75 8.82
C ASP B 91 19.18 -20.09 7.73
N ALA B 92 19.33 -18.76 7.47
CA ALA B 92 18.59 -18.03 6.42
C ALA B 92 19.15 -18.50 5.06
N LYS B 93 18.74 -19.71 4.65
CA LYS B 93 19.25 -20.38 3.47
C LYS B 93 18.46 -20.07 2.21
N ILE B 94 19.13 -19.45 1.23
CA ILE B 94 18.59 -19.12 -0.09
C ILE B 94 19.57 -19.68 -1.13
N PRO B 95 19.12 -20.24 -2.29
CA PRO B 95 20.08 -20.75 -3.29
C PRO B 95 20.85 -19.64 -3.99
N LYS B 96 21.98 -19.97 -4.58
CA LYS B 96 22.83 -19.00 -5.29
C LYS B 96 22.55 -19.15 -6.81
N TYR B 97 21.78 -20.21 -7.17
CA TYR B 97 21.42 -20.54 -8.53
C TYR B 97 20.18 -21.44 -8.60
N LEU B 98 19.07 -20.89 -9.17
CA LEU B 98 17.88 -21.67 -9.47
C LEU B 98 17.43 -21.41 -10.89
N PRO B 99 17.74 -22.35 -11.82
CA PRO B 99 17.33 -22.15 -13.21
C PRO B 99 15.82 -22.28 -13.36
N TRP B 100 15.27 -21.59 -14.38
CA TRP B 100 13.86 -21.65 -14.67
C TRP B 100 13.46 -23.07 -15.14
N ASP B 101 12.24 -23.47 -14.83
CA ASP B 101 11.63 -24.70 -15.29
C ASP B 101 10.14 -24.40 -15.48
N ASP B 102 9.54 -24.94 -16.56
CA ASP B 102 8.12 -24.75 -16.84
C ASP B 102 7.22 -25.35 -15.75
N LYS B 103 7.81 -26.18 -14.84
CA LYS B 103 7.15 -26.74 -13.66
C LYS B 103 6.55 -25.68 -12.72
N TYR B 104 7.11 -24.45 -12.75
CA TYR B 104 6.73 -23.31 -11.93
C TYR B 104 5.49 -22.54 -12.40
N ILE B 105 5.10 -22.74 -13.66
CA ILE B 105 3.96 -22.05 -14.25
C ILE B 105 2.68 -22.25 -13.42
N GLU B 106 2.04 -21.12 -13.13
CA GLU B 106 0.81 -21.06 -12.37
C GLU B 106 -0.36 -21.29 -13.31
N GLU B 107 -1.38 -22.03 -12.82
CA GLU B 107 -2.61 -22.35 -13.56
C GLU B 107 -3.51 -21.12 -13.70
N GLN B 108 -3.58 -20.31 -12.62
CA GLN B 108 -4.33 -19.08 -12.49
C GLN B 108 -3.79 -17.98 -13.42
N GLU B 109 -4.62 -17.59 -14.40
CA GLU B 109 -4.28 -16.57 -15.39
C GLU B 109 -4.03 -15.19 -14.75
N GLY B 110 -2.76 -14.83 -14.69
CA GLY B 110 -2.29 -13.55 -14.14
C GLY B 110 -1.28 -13.71 -13.02
N VAL B 111 -1.13 -14.95 -12.50
CA VAL B 111 -0.20 -15.24 -11.43
C VAL B 111 1.14 -15.70 -11.99
N VAL B 112 2.23 -14.97 -11.63
CA VAL B 112 3.62 -15.25 -12.03
C VAL B 112 4.50 -15.55 -10.78
N VAL B 113 5.59 -16.30 -10.97
CA VAL B 113 6.55 -16.71 -9.94
C VAL B 113 7.88 -16.11 -10.37
N VAL B 114 8.51 -15.33 -9.48
CA VAL B 114 9.74 -14.62 -9.83
C VAL B 114 11.05 -15.28 -9.28
N GLY B 115 10.94 -16.11 -8.25
CA GLY B 115 12.06 -16.85 -7.67
C GLY B 115 11.77 -17.45 -6.33
N GLN B 116 12.76 -18.13 -5.73
CA GLN B 116 12.67 -18.76 -4.40
C GLN B 116 13.12 -17.82 -3.29
N THR B 117 12.32 -17.72 -2.21
CA THR B 117 12.66 -16.95 -1.01
C THR B 117 13.13 -17.97 0.09
N PHE B 118 13.11 -17.55 1.36
CA PHE B 118 13.55 -18.33 2.50
C PHE B 118 12.72 -19.58 2.69
N SER B 119 11.40 -19.46 2.60
CA SER B 119 10.43 -20.55 2.67
C SER B 119 9.48 -20.24 1.55
N GLY B 120 9.53 -21.05 0.51
CA GLY B 120 8.63 -20.89 -0.62
C GLY B 120 9.18 -20.12 -1.79
N ASN B 121 8.26 -19.60 -2.62
CA ASN B 121 8.57 -18.86 -3.84
C ASN B 121 7.80 -17.54 -3.91
N ILE B 122 8.43 -16.48 -4.47
CA ILE B 122 7.75 -15.20 -4.60
C ILE B 122 6.77 -15.26 -5.79
N LYS B 123 5.49 -15.00 -5.46
CA LYS B 123 4.35 -14.99 -6.35
C LYS B 123 3.83 -13.57 -6.54
N ILE B 124 3.47 -13.23 -7.78
CA ILE B 124 2.87 -11.94 -8.09
C ILE B 124 1.50 -12.21 -8.75
N ASP B 125 0.39 -11.67 -8.19
CA ASP B 125 -0.95 -11.77 -8.78
C ASP B 125 -1.23 -10.46 -9.48
N LEU B 126 -1.09 -10.45 -10.82
CA LEU B 126 -1.27 -9.26 -11.64
C LEU B 126 -2.71 -8.78 -11.68
N ASN B 127 -3.61 -9.56 -11.12
CA ASN B 127 -5.01 -9.16 -11.00
C ASN B 127 -5.14 -8.29 -9.77
N LYS B 128 -4.25 -8.53 -8.77
CA LYS B 128 -4.20 -7.76 -7.52
C LYS B 128 -3.21 -6.58 -7.61
N SER B 129 -1.96 -6.81 -8.06
CA SER B 129 -0.92 -5.78 -8.20
C SER B 129 -0.43 -5.81 -9.66
N PRO B 130 -0.97 -4.87 -10.50
CA PRO B 130 -0.79 -4.95 -11.96
C PRO B 130 0.50 -4.48 -12.62
N HIS B 131 1.34 -3.70 -11.93
CA HIS B 131 2.55 -3.20 -12.55
C HIS B 131 3.75 -3.54 -11.70
N ILE B 132 4.88 -3.89 -12.36
CA ILE B 132 6.14 -4.33 -11.74
C ILE B 132 7.24 -3.44 -12.21
N LEU B 133 8.07 -2.99 -11.26
CA LEU B 133 9.27 -2.20 -11.56
C LEU B 133 10.45 -3.06 -11.11
N SER B 134 11.43 -3.25 -11.99
CA SER B 134 12.61 -4.06 -11.72
C SER B 134 13.83 -3.18 -11.91
N ALA B 135 14.59 -2.95 -10.80
CA ALA B 135 15.78 -2.10 -10.77
C ALA B 135 17.03 -2.95 -10.50
N GLY B 136 18.12 -2.64 -11.19
CA GLY B 136 19.40 -3.31 -11.06
C GLY B 136 20.45 -2.86 -12.05
N GLU B 137 21.75 -2.84 -11.63
CA GLU B 137 22.90 -2.47 -12.49
C GLU B 137 23.05 -3.48 -13.64
N THR B 138 23.91 -3.20 -14.62
CA THR B 138 24.08 -4.12 -15.75
C THR B 138 24.52 -5.53 -15.31
N GLY B 139 23.99 -6.53 -16.00
CA GLY B 139 24.26 -7.93 -15.75
C GLY B 139 23.79 -8.34 -14.38
N SER B 140 22.69 -7.73 -13.86
CA SER B 140 22.15 -8.08 -12.54
C SER B 140 20.98 -9.10 -12.57
N GLY B 141 20.25 -9.15 -13.68
CA GLY B 141 19.10 -10.01 -13.87
C GLY B 141 17.79 -9.26 -13.91
N LYS B 142 17.81 -7.98 -13.54
CA LYS B 142 16.68 -7.05 -13.50
C LYS B 142 15.75 -7.25 -14.72
N SER B 143 16.35 -7.43 -15.92
CA SER B 143 15.66 -7.57 -17.20
C SER B 143 15.25 -8.99 -17.49
N VAL B 144 16.08 -9.96 -17.05
CA VAL B 144 15.85 -11.41 -17.17
C VAL B 144 14.57 -11.80 -16.41
N ILE B 145 14.40 -11.16 -15.22
CA ILE B 145 13.21 -11.26 -14.38
C ILE B 145 12.02 -10.94 -15.26
N LEU B 146 12.07 -9.82 -16.02
CA LEU B 146 10.97 -9.36 -16.89
C LEU B 146 10.68 -10.34 -17.99
N ARG B 147 11.72 -10.95 -18.56
CA ARG B 147 11.53 -11.95 -19.59
C ARG B 147 10.90 -13.23 -19.04
N CYS B 148 11.29 -13.66 -17.82
CA CYS B 148 10.70 -14.82 -17.14
C CYS B 148 9.18 -14.62 -16.91
N ILE B 149 8.77 -13.45 -16.39
CA ILE B 149 7.38 -13.06 -16.18
C ILE B 149 6.69 -13.09 -17.55
N LEU B 150 7.36 -12.54 -18.57
CA LEU B 150 6.84 -12.51 -19.93
C LEU B 150 6.55 -13.91 -20.44
N TRP B 151 7.46 -14.83 -20.24
CA TRP B 151 7.26 -16.22 -20.69
C TRP B 151 6.02 -16.83 -20.05
N GLN B 152 5.91 -16.72 -18.72
CA GLN B 152 4.78 -17.24 -17.95
C GLN B 152 3.46 -16.61 -18.40
N LEU B 153 3.45 -15.28 -18.67
CA LEU B 153 2.23 -14.67 -19.18
C LEU B 153 1.93 -15.05 -20.63
N LEU B 154 2.95 -15.13 -21.52
CA LEU B 154 2.81 -15.59 -22.90
C LEU B 154 2.19 -17.01 -22.94
N LYS B 155 2.69 -17.87 -22.04
CA LYS B 155 2.22 -19.25 -21.85
C LYS B 155 0.75 -19.32 -21.37
N GLN B 156 0.26 -18.28 -20.67
CA GLN B 156 -1.16 -18.20 -20.22
C GLN B 156 -2.03 -17.48 -21.28
N GLY B 157 -1.51 -17.34 -22.50
CA GLY B 157 -2.21 -16.78 -23.65
C GLY B 157 -2.28 -15.26 -23.79
N ALA B 158 -1.45 -14.50 -23.02
CA ALA B 158 -1.38 -13.03 -23.06
C ALA B 158 -0.84 -12.50 -24.38
N ILE B 159 -1.07 -11.20 -24.64
CA ILE B 159 -0.60 -10.51 -25.84
C ILE B 159 0.55 -9.57 -25.40
N ALA B 160 1.73 -9.75 -26.00
CA ALA B 160 2.97 -9.07 -25.62
C ALA B 160 3.43 -7.95 -26.49
N TYR B 161 3.93 -6.89 -25.82
CA TYR B 161 4.57 -5.72 -26.40
C TYR B 161 5.89 -5.51 -25.65
N MET B 162 7.00 -5.63 -26.38
CA MET B 162 8.35 -5.47 -25.85
C MET B 162 8.93 -4.16 -26.34
N VAL B 163 9.57 -3.38 -25.47
CA VAL B 163 10.15 -2.09 -25.86
C VAL B 163 11.64 -2.06 -25.58
N ASP B 164 12.42 -2.20 -26.63
CA ASP B 164 13.87 -2.11 -26.54
C ASP B 164 14.38 -1.24 -27.69
N PHE B 165 14.79 0.00 -27.37
CA PHE B 165 15.28 0.99 -28.33
C PHE B 165 16.68 0.69 -28.83
N LYS B 166 17.42 -0.19 -28.12
CA LYS B 166 18.76 -0.64 -28.54
C LYS B 166 18.72 -1.43 -29.91
N GLY B 167 17.55 -1.48 -30.55
CA GLY B 167 17.33 -2.12 -31.83
C GLY B 167 17.11 -3.61 -31.71
N GLY B 168 16.19 -4.02 -30.82
CA GLY B 168 15.86 -5.42 -30.57
C GLY B 168 17.10 -6.22 -30.24
N VAL B 169 17.70 -5.91 -29.10
CA VAL B 169 18.93 -6.53 -28.61
C VAL B 169 18.59 -7.62 -27.54
N GLU B 170 17.80 -7.25 -26.52
CA GLU B 170 17.36 -8.17 -25.47
C GLU B 170 16.21 -9.05 -25.99
N PHE B 171 15.51 -8.54 -27.05
CA PHE B 171 14.40 -9.23 -27.72
C PHE B 171 14.77 -9.53 -29.15
N GLY B 172 15.20 -10.76 -29.38
CA GLY B 172 15.62 -11.21 -30.70
C GLY B 172 14.51 -11.39 -31.73
N LEU B 173 14.85 -12.11 -32.83
CA LEU B 173 13.91 -12.45 -33.89
C LEU B 173 12.83 -13.42 -33.38
N GLU B 174 13.19 -14.23 -32.37
CA GLU B 174 12.32 -15.23 -31.73
C GLU B 174 11.24 -14.54 -30.90
N TYR B 175 11.60 -13.43 -30.24
CA TYR B 175 10.68 -12.66 -29.43
C TYR B 175 9.62 -11.95 -30.29
N GLU B 176 9.91 -11.80 -31.59
CA GLU B 176 9.06 -11.15 -32.57
C GLU B 176 8.00 -12.08 -33.16
N LYS B 177 8.15 -13.39 -32.92
CA LYS B 177 7.26 -14.47 -33.37
C LYS B 177 5.99 -14.53 -32.53
N VAL B 178 6.11 -14.07 -31.28
CA VAL B 178 5.08 -14.11 -30.24
C VAL B 178 4.47 -12.73 -29.92
N GLY B 179 5.11 -11.66 -30.39
CA GLY B 179 4.67 -10.30 -30.12
C GLY B 179 5.46 -9.18 -30.79
N GLN B 180 5.00 -7.95 -30.61
CA GLN B 180 5.56 -6.76 -31.22
C GLN B 180 6.73 -6.21 -30.42
N VAL B 181 7.90 -6.02 -31.09
CA VAL B 181 9.10 -5.43 -30.47
C VAL B 181 9.27 -3.98 -30.96
N ILE B 182 9.28 -3.00 -30.02
CA ILE B 182 9.36 -1.55 -30.28
C ILE B 182 10.80 -1.10 -30.12
N THR B 183 11.36 -0.56 -31.20
CA THR B 183 12.76 -0.16 -31.25
C THR B 183 12.96 1.36 -31.48
N GLU B 184 11.91 2.07 -31.92
CA GLU B 184 12.03 3.51 -32.15
C GLU B 184 10.87 4.31 -31.51
N VAL B 185 11.07 5.63 -31.36
CA VAL B 185 10.16 6.61 -30.74
C VAL B 185 8.78 6.62 -31.36
N ASP B 186 8.66 6.80 -32.72
CA ASP B 186 7.38 6.90 -33.43
C ASP B 186 6.44 5.72 -33.19
N ALA B 187 6.95 4.47 -33.30
CA ALA B 187 6.20 3.25 -33.04
C ALA B 187 5.84 3.11 -31.57
N ALA B 188 6.67 3.71 -30.68
CA ALA B 188 6.43 3.73 -29.22
C ALA B 188 5.27 4.66 -28.89
N GLU B 189 5.22 5.85 -29.51
CA GLU B 189 4.11 6.78 -29.32
C GLU B 189 2.80 6.17 -29.83
N LYS B 190 2.86 5.44 -30.97
CA LYS B 190 1.73 4.72 -31.56
C LYS B 190 1.28 3.64 -30.58
N LEU B 191 2.27 2.92 -29.98
CA LEU B 191 2.00 1.84 -29.02
C LEU B 191 1.20 2.37 -27.85
N PHE B 192 1.80 3.25 -27.04
CA PHE B 192 1.20 3.80 -25.84
C PHE B 192 -0.06 4.69 -26.11
N LYS B 193 -0.25 5.15 -27.36
CA LYS B 193 -1.46 5.91 -27.73
C LYS B 193 -2.59 4.89 -27.89
N TYR B 194 -2.28 3.69 -28.50
CA TYR B 194 -3.20 2.56 -28.70
C TYR B 194 -3.59 2.01 -27.32
N LEU B 195 -2.58 1.74 -26.45
CA LEU B 195 -2.78 1.22 -25.09
C LEU B 195 -3.64 2.10 -24.18
N VAL B 196 -3.56 3.44 -24.33
CA VAL B 196 -4.35 4.36 -23.51
C VAL B 196 -5.84 4.33 -23.94
N ASP B 197 -6.10 4.09 -25.24
CA ASP B 197 -7.46 3.98 -25.79
C ASP B 197 -8.02 2.62 -25.45
N GLU B 198 -7.21 1.55 -25.63
CA GLU B 198 -7.61 0.17 -25.35
C GLU B 198 -8.11 0.05 -23.90
N ASN B 199 -7.33 0.55 -22.94
CA ASN B 199 -7.66 0.63 -21.54
C ASN B 199 -9.06 1.28 -21.36
N ALA B 200 -9.27 2.51 -21.93
CA ALA B 200 -10.53 3.27 -21.90
C ALA B 200 -11.69 2.43 -22.50
N LYS B 201 -11.40 1.67 -23.60
CA LYS B 201 -12.36 0.78 -24.25
C LYS B 201 -12.75 -0.29 -23.30
N ARG B 202 -11.76 -0.95 -22.66
CA ARG B 202 -11.93 -2.01 -21.67
C ARG B 202 -12.69 -1.55 -20.42
N LEU B 203 -12.31 -0.36 -19.86
CA LEU B 203 -12.98 0.29 -18.73
C LEU B 203 -14.45 0.60 -19.07
N LYS B 204 -14.76 0.94 -20.35
CA LYS B 204 -16.13 1.20 -20.80
C LYS B 204 -16.87 -0.14 -20.82
N LEU B 205 -16.25 -1.18 -21.41
CA LEU B 205 -16.80 -2.52 -21.47
C LEU B 205 -17.14 -3.06 -20.08
N LEU B 206 -16.33 -2.69 -19.06
CA LEU B 206 -16.54 -3.14 -17.68
C LEU B 206 -17.74 -2.47 -17.06
N ARG B 207 -17.79 -1.14 -17.11
CA ARG B 207 -18.88 -0.34 -16.56
C ARG B 207 -20.22 -0.78 -17.19
N GLU B 208 -20.29 -0.87 -18.55
CA GLU B 208 -21.47 -1.28 -19.36
C GLU B 208 -21.97 -2.72 -19.03
N SER B 209 -21.05 -3.60 -18.58
CA SER B 209 -21.38 -4.98 -18.22
C SER B 209 -21.46 -5.16 -16.71
N GLY B 210 -21.60 -4.08 -15.96
CA GLY B 210 -21.67 -4.17 -14.50
C GLY B 210 -20.52 -4.94 -13.86
N SER B 211 -19.35 -4.97 -14.56
CA SER B 211 -18.09 -5.61 -14.15
C SER B 211 -17.17 -4.60 -13.40
N LYS B 212 -16.19 -5.13 -12.66
CA LYS B 212 -15.22 -4.30 -11.95
C LYS B 212 -13.81 -4.51 -12.45
N ASN B 213 -13.55 -5.68 -13.10
CA ASN B 213 -12.26 -6.09 -13.68
C ASN B 213 -12.43 -7.15 -14.77
N ILE B 214 -11.38 -7.31 -15.60
CA ILE B 214 -11.26 -8.28 -16.70
C ILE B 214 -11.69 -9.69 -16.26
N GLY B 215 -11.33 -10.07 -15.03
CA GLY B 215 -11.65 -11.34 -14.38
C GLY B 215 -13.13 -11.62 -14.24
N GLU B 216 -13.89 -10.59 -13.85
CA GLU B 216 -15.34 -10.59 -13.67
C GLU B 216 -16.06 -10.63 -15.04
N TYR B 217 -15.56 -9.83 -15.99
CA TYR B 217 -16.06 -9.70 -17.37
C TYR B 217 -15.91 -11.02 -18.13
N ASN B 218 -14.82 -11.75 -17.86
CA ASN B 218 -14.49 -12.99 -18.56
C ASN B 218 -15.26 -14.20 -18.07
N LYS B 219 -15.97 -14.07 -16.94
CA LYS B 219 -16.85 -15.14 -16.46
C LYS B 219 -18.21 -14.96 -17.17
N LYS B 220 -18.65 -13.68 -17.32
CA LYS B 220 -19.89 -13.22 -17.98
C LYS B 220 -19.87 -13.51 -19.50
N PHE B 221 -18.69 -13.69 -20.07
CA PHE B 221 -18.55 -13.95 -21.49
C PHE B 221 -17.58 -15.13 -21.64
N GLU B 222 -18.08 -16.35 -22.00
CA GLU B 222 -17.23 -17.55 -22.16
C GLU B 222 -16.43 -17.48 -23.45
N GLY B 223 -17.04 -16.83 -24.44
CA GLY B 223 -16.44 -16.45 -25.71
C GLY B 223 -16.22 -14.94 -25.63
N GLU B 224 -15.59 -14.33 -26.66
CA GLU B 224 -15.30 -12.87 -26.73
C GLU B 224 -14.60 -12.33 -25.45
N GLU B 225 -13.72 -13.16 -24.83
CA GLU B 225 -12.96 -12.78 -23.64
C GLU B 225 -11.85 -11.81 -24.00
N LEU B 226 -11.51 -10.95 -23.05
CA LEU B 226 -10.44 -9.97 -23.17
C LEU B 226 -9.16 -10.66 -22.74
N LYS B 227 -8.17 -10.68 -23.64
CA LYS B 227 -6.83 -11.25 -23.42
C LYS B 227 -6.02 -10.28 -22.58
N ARG B 228 -5.16 -10.79 -21.69
CA ARG B 228 -4.33 -9.90 -20.91
C ARG B 228 -3.26 -9.31 -21.84
N ILE B 229 -2.87 -8.04 -21.60
CA ILE B 229 -1.87 -7.34 -22.39
C ILE B 229 -0.64 -6.96 -21.52
N ILE B 230 0.46 -7.71 -21.67
CA ILE B 230 1.69 -7.37 -20.96
C ILE B 230 2.64 -6.53 -21.81
N VAL B 231 3.03 -5.39 -21.24
CA VAL B 231 3.97 -4.44 -21.81
C VAL B 231 5.25 -4.47 -21.00
N VAL B 232 6.33 -4.88 -21.66
CA VAL B 232 7.65 -4.98 -21.08
C VAL B 232 8.46 -3.80 -21.59
N ILE B 233 8.85 -2.87 -20.69
CA ILE B 233 9.72 -1.74 -21.05
C ILE B 233 11.12 -2.14 -20.57
N ASP B 234 12.05 -2.47 -21.51
CA ASP B 234 13.40 -2.91 -21.13
C ASP B 234 14.15 -1.88 -20.28
N GLU B 235 14.09 -0.58 -20.66
CA GLU B 235 14.68 0.54 -19.91
C GLU B 235 13.70 1.73 -19.92
N LEU B 236 13.25 2.16 -18.74
CA LEU B 236 12.33 3.30 -18.55
C LEU B 236 12.98 4.61 -18.99
N ALA B 237 14.32 4.68 -18.86
CA ALA B 237 15.12 5.84 -19.26
C ALA B 237 15.14 6.05 -20.78
N GLU B 238 14.74 5.03 -21.58
CA GLU B 238 14.65 5.08 -23.04
C GLU B 238 13.43 5.87 -23.46
N LEU B 239 12.49 6.09 -22.53
CA LEU B 239 11.25 6.85 -22.71
C LEU B 239 11.23 8.14 -21.85
N MET B 240 12.07 8.20 -20.81
CA MET B 240 12.12 9.30 -19.84
C MET B 240 13.20 10.34 -20.09
N ASP B 241 14.38 9.90 -20.55
CA ASP B 241 15.50 10.78 -20.80
C ASP B 241 15.41 11.40 -22.19
N LYS B 242 15.34 12.74 -22.22
CA LYS B 242 15.25 13.57 -23.41
C LYS B 242 16.37 14.64 -23.46
N THR B 243 17.63 14.18 -23.35
CA THR B 243 18.78 15.09 -23.36
C THR B 243 19.41 15.18 -24.78
N GLY B 244 19.72 14.03 -25.36
CA GLY B 244 20.35 13.99 -26.69
C GLY B 244 19.40 13.74 -27.84
N VAL B 245 18.25 14.43 -27.87
CA VAL B 245 17.23 14.29 -28.91
C VAL B 245 16.91 15.61 -29.60
N ASP B 246 16.07 15.57 -30.65
CA ASP B 246 15.68 16.77 -31.41
C ASP B 246 14.73 17.66 -30.59
N ASP B 247 13.60 18.09 -31.18
CA ASP B 247 12.61 18.93 -30.53
C ASP B 247 11.26 18.25 -30.63
N GLU B 248 10.96 17.67 -31.82
CA GLU B 248 9.75 16.91 -32.15
C GLU B 248 9.82 15.56 -31.42
N THR B 249 11.04 14.96 -31.34
CA THR B 249 11.28 13.69 -30.65
C THR B 249 11.10 13.86 -29.13
N ARG B 250 11.38 15.09 -28.61
CA ARG B 250 11.18 15.45 -27.20
C ARG B 250 9.67 15.47 -26.87
N ALA B 251 8.86 16.04 -27.81
CA ALA B 251 7.40 16.13 -27.73
C ALA B 251 6.82 14.74 -27.62
N LYS B 252 7.31 13.82 -28.49
CA LYS B 252 6.94 12.41 -28.52
C LYS B 252 7.24 11.77 -27.16
N LEU B 253 8.47 11.94 -26.60
CA LEU B 253 8.82 11.40 -25.27
C LEU B 253 7.89 11.93 -24.16
N VAL B 254 7.55 13.24 -24.21
CA VAL B 254 6.63 13.92 -23.30
C VAL B 254 5.17 13.35 -23.46
N ARG B 255 4.76 13.11 -24.73
CA ARG B 255 3.47 12.52 -25.08
C ARG B 255 3.40 11.07 -24.54
N ILE B 256 4.45 10.23 -24.81
CA ILE B 256 4.62 8.83 -24.38
C ILE B 256 4.63 8.78 -22.85
N GLU B 257 5.33 9.75 -22.22
CA GLU B 257 5.43 9.91 -20.76
C GLU B 257 4.03 10.06 -20.21
N GLY B 258 3.25 10.95 -20.85
CA GLY B 258 1.84 11.20 -20.53
C GLY B 258 1.04 9.93 -20.58
N TYR B 259 1.18 9.15 -21.68
CA TYR B 259 0.52 7.86 -21.92
C TYR B 259 0.81 6.86 -20.82
N THR B 260 2.13 6.65 -20.55
CA THR B 260 2.74 5.79 -19.52
C THR B 260 2.12 6.11 -18.14
N SER B 261 1.94 7.40 -17.82
CA SER B 261 1.29 7.85 -16.57
C SER B 261 -0.18 7.40 -16.54
N THR B 262 -0.93 7.72 -17.62
CA THR B 262 -2.33 7.39 -17.78
C THR B 262 -2.56 5.89 -17.49
N LEU B 263 -1.67 5.04 -18.05
CA LEU B 263 -1.72 3.60 -17.91
C LEU B 263 -1.44 3.12 -16.48
N ALA B 264 -0.39 3.61 -15.83
CA ALA B 264 -0.14 3.22 -14.43
C ALA B 264 -1.31 3.70 -13.54
N ARG B 265 -1.78 4.94 -13.79
CA ARG B 265 -2.90 5.58 -13.08
C ARG B 265 -4.27 4.87 -13.21
N LEU B 266 -4.68 4.45 -14.44
CA LEU B 266 -6.02 3.91 -14.64
C LEU B 266 -6.15 2.50 -15.25
N SER B 267 -5.11 1.66 -15.20
CA SER B 267 -5.20 0.32 -15.80
C SER B 267 -5.52 -0.86 -14.87
N ARG B 268 -5.39 -0.68 -13.55
CA ARG B 268 -5.56 -1.69 -12.49
C ARG B 268 -6.42 -2.92 -12.92
N ALA B 269 -7.72 -2.67 -13.18
CA ALA B 269 -8.78 -3.62 -13.49
C ALA B 269 -8.87 -4.15 -14.91
N THR B 270 -8.35 -3.41 -15.91
CA THR B 270 -8.44 -3.76 -17.35
C THR B 270 -7.46 -4.83 -17.87
N GLY B 271 -6.61 -5.36 -16.99
CA GLY B 271 -5.67 -6.40 -17.38
C GLY B 271 -4.63 -6.02 -18.42
N ILE B 272 -4.09 -4.78 -18.33
CA ILE B 272 -2.99 -4.26 -19.15
C ILE B 272 -1.88 -4.03 -18.12
N ASN B 273 -0.78 -4.85 -18.20
CA ASN B 273 0.30 -4.83 -17.22
C ASN B 273 1.62 -4.28 -17.71
N LEU B 274 2.18 -3.34 -16.98
CA LEU B 274 3.48 -2.75 -17.31
C LEU B 274 4.54 -3.43 -16.45
N CYS B 275 5.59 -3.91 -17.10
CA CYS B 275 6.77 -4.49 -16.47
C CYS B 275 7.92 -3.66 -16.95
N ILE B 276 8.46 -2.83 -16.05
CA ILE B 276 9.48 -1.85 -16.39
C ILE B 276 10.87 -2.19 -15.83
N GLY B 277 11.90 -2.00 -16.64
CA GLY B 277 13.28 -2.14 -16.24
C GLY B 277 13.92 -0.78 -16.05
N VAL B 278 14.76 -0.64 -15.02
CA VAL B 278 15.54 0.57 -14.71
C VAL B 278 16.94 0.16 -14.34
N GLN B 279 17.92 0.61 -15.13
CA GLN B 279 19.32 0.33 -14.85
C GLN B 279 19.84 1.32 -13.82
N ARG B 280 19.52 2.62 -14.00
CA ARG B 280 19.95 3.69 -13.10
C ARG B 280 18.72 4.38 -12.46
N PRO B 281 18.21 3.87 -11.31
CA PRO B 281 17.05 4.52 -10.66
C PRO B 281 17.33 5.91 -10.06
N ASP B 282 16.69 6.95 -10.63
CA ASP B 282 16.80 8.34 -10.14
C ASP B 282 15.49 9.13 -10.38
N ALA B 283 15.49 10.45 -10.11
CA ALA B 283 14.28 11.29 -10.29
C ALA B 283 13.95 11.53 -11.77
N LYS B 284 15.00 11.77 -12.62
CA LYS B 284 14.88 11.99 -14.07
C LYS B 284 14.16 10.82 -14.81
N VAL B 285 14.16 9.63 -14.20
CA VAL B 285 13.53 8.46 -14.78
C VAL B 285 12.30 8.00 -13.95
N ILE B 286 12.44 7.83 -12.61
CA ILE B 286 11.30 7.41 -11.78
C ILE B 286 10.47 8.61 -11.32
N THR B 287 9.52 8.98 -12.17
CA THR B 287 8.57 10.08 -12.00
C THR B 287 7.44 9.57 -11.12
N GLY B 288 6.66 10.49 -10.54
CA GLY B 288 5.54 10.28 -9.61
C GLY B 288 4.54 9.18 -9.88
N GLN B 289 4.02 9.13 -11.11
CA GLN B 289 3.03 8.17 -11.66
C GLN B 289 3.54 6.70 -11.62
N ILE B 290 4.87 6.53 -11.59
CA ILE B 290 5.60 5.28 -11.55
C ILE B 290 6.11 5.16 -10.13
N LYS B 291 6.49 6.30 -9.52
CA LYS B 291 6.99 6.44 -8.14
C LYS B 291 5.91 6.07 -7.10
N ASN B 292 4.63 6.01 -7.54
CA ASN B 292 3.49 5.65 -6.69
C ASN B 292 2.72 4.43 -7.21
N ASN B 293 2.21 4.52 -8.47
CA ASN B 293 1.33 3.53 -9.12
C ASN B 293 1.97 2.20 -9.63
N VAL B 294 3.25 1.94 -9.36
CA VAL B 294 3.81 0.63 -9.71
C VAL B 294 3.97 -0.08 -8.36
N PRO B 295 2.97 -0.90 -7.94
CA PRO B 295 3.03 -1.51 -6.59
C PRO B 295 4.17 -2.49 -6.37
N VAL B 296 4.49 -3.29 -7.40
CA VAL B 296 5.56 -4.28 -7.36
C VAL B 296 6.91 -3.63 -7.60
N ARG B 297 7.80 -3.83 -6.63
CA ARG B 297 9.16 -3.30 -6.63
C ARG B 297 10.15 -4.44 -6.41
N ILE B 298 11.03 -4.66 -7.40
CA ILE B 298 12.06 -5.69 -7.42
C ILE B 298 13.36 -4.95 -7.60
N CYS B 299 14.21 -5.00 -6.58
CA CYS B 299 15.44 -4.23 -6.55
C CYS B 299 16.67 -5.07 -6.38
N GLY B 300 17.68 -4.79 -7.17
CA GLY B 300 19.00 -5.40 -7.10
C GLY B 300 19.88 -4.66 -6.10
N ARG B 301 21.15 -5.04 -6.03
CA ARG B 301 22.09 -4.40 -5.12
C ARG B 301 22.44 -3.01 -5.65
N PHE B 302 22.31 -2.00 -4.79
CA PHE B 302 22.72 -0.64 -5.11
C PHE B 302 23.56 -0.12 -3.98
N ALA B 303 24.76 0.41 -4.31
CA ALA B 303 25.63 1.00 -3.31
C ALA B 303 25.06 2.36 -2.92
N ASP B 304 24.55 3.14 -3.91
CA ASP B 304 23.92 4.44 -3.64
C ASP B 304 22.59 4.24 -2.90
N SER B 305 22.48 4.84 -1.69
CA SER B 305 21.28 4.74 -0.84
C SER B 305 20.04 5.46 -1.42
N LYS B 306 20.25 6.45 -2.33
CA LYS B 306 19.14 7.16 -2.99
C LYS B 306 18.49 6.34 -4.09
N ALA B 307 19.24 5.38 -4.71
CA ALA B 307 18.73 4.42 -5.71
C ALA B 307 17.75 3.44 -5.03
N SER B 308 18.16 2.91 -3.86
CA SER B 308 17.32 2.02 -3.06
C SER B 308 16.08 2.77 -2.54
N GLU B 309 16.27 4.05 -2.10
CA GLU B 309 15.20 4.88 -1.57
C GLU B 309 14.16 5.14 -2.62
N ILE B 310 14.60 5.43 -3.86
CA ILE B 310 13.64 5.72 -4.94
C ILE B 310 12.82 4.47 -5.26
N VAL B 311 13.41 3.27 -5.23
CA VAL B 311 12.71 2.02 -5.57
C VAL B 311 11.94 1.37 -4.41
N LEU B 312 12.62 1.14 -3.27
CA LEU B 312 12.02 0.45 -2.12
C LEU B 312 11.57 1.40 -1.04
N SER B 313 12.02 2.66 -1.09
CA SER B 313 11.78 3.72 -0.11
C SER B 313 12.27 3.29 1.31
N ASN B 314 13.48 2.74 1.29
CA ASN B 314 14.34 2.28 2.36
C ASN B 314 15.73 2.12 1.69
N THR B 315 16.74 1.78 2.47
CA THR B 315 18.13 1.63 2.03
C THR B 315 18.57 0.16 2.03
N LYS B 316 17.61 -0.76 2.19
CA LYS B 316 17.87 -2.18 2.31
C LYS B 316 18.66 -2.76 1.13
N ALA B 317 18.45 -2.24 -0.10
CA ALA B 317 19.16 -2.71 -1.31
C ALA B 317 20.66 -2.60 -1.22
N LYS B 318 21.14 -1.78 -0.26
CA LYS B 318 22.56 -1.56 0.01
C LYS B 318 23.22 -2.77 0.67
N ASP B 319 22.50 -3.40 1.62
CA ASP B 319 22.94 -4.55 2.43
C ASP B 319 22.75 -5.91 1.78
N LEU B 320 22.28 -5.94 0.53
CA LEU B 320 22.02 -7.17 -0.24
C LEU B 320 23.31 -7.93 -0.51
N PRO B 321 23.42 -9.25 -0.18
CA PRO B 321 24.66 -9.99 -0.48
C PRO B 321 25.10 -9.90 -1.95
N GLU B 322 26.42 -10.05 -2.23
CA GLU B 322 26.91 -9.91 -3.60
C GLU B 322 26.76 -11.20 -4.45
N VAL B 323 25.59 -11.88 -4.32
CA VAL B 323 25.28 -13.08 -5.08
C VAL B 323 24.54 -12.63 -6.35
N LYS B 324 25.02 -13.02 -7.54
CA LYS B 324 24.39 -12.67 -8.82
C LYS B 324 23.02 -13.31 -8.85
N GLY B 325 21.99 -12.50 -9.09
CA GLY B 325 20.62 -13.00 -9.13
C GLY B 325 19.87 -12.79 -7.82
N ARG B 326 20.56 -12.27 -6.79
CA ARG B 326 19.91 -11.93 -5.52
C ARG B 326 19.24 -10.53 -5.63
N PHE B 327 17.98 -10.47 -5.26
CA PHE B 327 17.17 -9.25 -5.33
C PHE B 327 16.37 -9.10 -4.08
N LEU B 328 15.79 -7.91 -3.91
CA LEU B 328 14.83 -7.55 -2.87
C LEU B 328 13.48 -7.36 -3.54
N PHE B 329 12.40 -7.79 -2.87
CA PHE B 329 11.04 -7.68 -3.37
C PHE B 329 10.20 -6.95 -2.34
N LYS B 330 9.61 -5.85 -2.77
CA LYS B 330 8.71 -5.04 -1.96
C LYS B 330 7.33 -5.00 -2.66
N LEU B 331 6.31 -5.30 -1.89
CA LEU B 331 4.91 -5.23 -2.28
C LEU B 331 4.23 -5.02 -0.96
N GLY B 332 3.63 -3.84 -0.83
CA GLY B 332 3.04 -3.42 0.41
C GLY B 332 4.08 -2.88 1.35
N ALA B 333 4.08 -3.38 2.61
CA ALA B 333 4.99 -2.94 3.68
C ALA B 333 6.26 -3.75 3.82
N ASP B 334 6.23 -5.02 3.40
CA ASP B 334 7.38 -5.89 3.58
C ASP B 334 8.33 -5.92 2.41
N THR B 335 9.64 -5.74 2.72
CA THR B 335 10.77 -5.93 1.82
C THR B 335 11.27 -7.34 2.13
N VAL B 336 11.38 -8.17 1.09
CA VAL B 336 11.79 -9.57 1.22
C VAL B 336 12.98 -9.88 0.32
N GLN B 337 13.95 -10.64 0.80
CA GLN B 337 15.07 -11.05 -0.05
C GLN B 337 14.67 -12.34 -0.78
N PHE B 338 15.00 -12.41 -2.09
CA PHE B 338 14.72 -13.62 -2.88
C PHE B 338 15.79 -13.91 -3.95
N GLN B 339 15.80 -15.15 -4.46
CA GLN B 339 16.69 -15.56 -5.53
C GLN B 339 15.89 -15.67 -6.84
N ALA B 340 16.11 -14.72 -7.77
CA ALA B 340 15.48 -14.73 -9.08
C ALA B 340 15.92 -15.98 -9.88
N PHE B 341 15.00 -16.55 -10.68
CA PHE B 341 15.28 -17.70 -11.55
C PHE B 341 16.16 -17.26 -12.73
N TYR B 342 17.18 -18.06 -13.03
CA TYR B 342 18.07 -17.88 -14.16
C TYR B 342 17.25 -18.35 -15.36
N PHE B 343 16.82 -17.39 -16.18
CA PHE B 343 16.01 -17.67 -17.35
C PHE B 343 16.86 -17.49 -18.56
N ASP B 344 17.21 -18.61 -19.20
CA ASP B 344 18.00 -18.60 -20.44
C ASP B 344 17.10 -18.66 -21.68
N ASP B 345 17.17 -17.62 -22.52
CA ASP B 345 16.36 -17.50 -23.74
C ASP B 345 16.52 -18.63 -24.74
N ASP B 346 17.73 -19.17 -24.90
CA ASP B 346 17.90 -20.23 -25.89
C ASP B 346 17.36 -21.55 -25.39
N LYS B 347 17.41 -21.77 -24.06
CA LYS B 347 16.93 -22.99 -23.41
C LYS B 347 15.43 -22.97 -23.08
N HIS B 348 14.95 -21.87 -22.47
CA HIS B 348 13.62 -21.70 -21.94
C HIS B 348 12.61 -20.97 -22.84
N PHE B 349 13.07 -20.02 -23.67
CA PHE B 349 12.15 -19.34 -24.58
C PHE B 349 11.98 -20.13 -25.91
N ILE B 350 10.84 -20.82 -26.01
CA ILE B 350 10.47 -21.65 -27.16
C ILE B 350 9.16 -21.10 -27.74
N PRO B 351 9.30 -20.13 -28.68
CA PRO B 351 8.12 -19.46 -29.29
C PRO B 351 6.99 -20.34 -29.87
N ASN B 352 7.25 -21.59 -30.35
CA ASN B 352 6.16 -22.42 -30.89
C ASN B 352 5.23 -22.96 -29.81
N LYS B 353 5.73 -23.07 -28.56
CA LYS B 353 4.95 -23.52 -27.41
C LYS B 353 3.83 -22.49 -27.13
N ILE B 354 4.19 -21.20 -27.09
CA ILE B 354 3.24 -20.08 -26.92
C ILE B 354 2.13 -20.17 -27.98
N LEU B 355 2.54 -20.12 -29.28
CA LEU B 355 1.69 -20.08 -30.47
C LEU B 355 0.69 -21.20 -30.54
N LYS B 356 1.10 -22.42 -30.15
CA LYS B 356 0.23 -23.61 -30.13
C LYS B 356 -0.94 -23.48 -29.12
N LEU B 357 -0.73 -22.70 -28.05
CA LEU B 357 -1.67 -22.47 -26.94
C LEU B 357 -2.63 -21.26 -27.12
N ARG B 358 -2.62 -20.59 -28.29
CA ARG B 358 -3.40 -19.37 -28.52
C ARG B 358 -4.79 -19.53 -29.15
N LYS B 359 -5.66 -18.46 -28.92
CA LYS B 359 -7.04 -18.24 -29.36
C LYS B 359 -7.94 -19.49 -29.24
PG ATP C . -11.99 0.99 -3.32
O1G ATP C . -13.07 0.23 -4.05
O2G ATP C . -12.27 2.52 -3.27
O3G ATP C . -10.61 0.77 -3.96
PB ATP C . -11.29 -0.74 -1.00
O1B ATP C . -10.46 -0.26 0.12
O2B ATP C . -10.44 -1.55 -1.98
O3B ATP C . -11.89 0.52 -1.79
PA ATP C . -13.87 -2.18 -0.93
O1A ATP C . -14.02 -1.98 -2.39
O2A ATP C . -14.85 -1.28 -0.18
O3A ATP C . -12.42 -1.73 -0.45
O5' ATP C . -14.24 -3.72 -0.56
C5' ATP C . -13.31 -4.63 0.07
C4' ATP C . -13.96 -5.94 0.45
O4' ATP C . -13.58 -6.30 1.79
C3' ATP C . -15.49 -5.99 0.44
O3' ATP C . -16.03 -6.23 -0.85
C2' ATP C . -15.74 -7.13 1.44
O2' ATP C . -15.56 -8.43 0.88
C1' ATP C . -14.69 -6.81 2.49
N9 ATP C . -15.14 -5.83 3.49
C8 ATP C . -15.20 -4.47 3.35
N7 ATP C . -15.80 -3.85 4.36
C5 ATP C . -16.13 -4.90 5.21
C6 ATP C . -16.84 -4.93 6.43
N6 ATP C . -17.34 -3.84 7.02
N1 ATP C . -17.06 -6.13 7.00
C2 ATP C . -16.58 -7.23 6.40
N3 ATP C . -15.90 -7.32 5.25
C4 ATP C . -15.72 -6.11 4.69
H5'1 ATP C . -12.93 -4.16 0.98
H5'2 ATP C . -12.47 -4.78 -0.61
H4' ATP C . -13.54 -6.74 -0.16
H3' ATP C . -15.93 -5.07 0.83
HO3' ATP C . -16.93 -5.81 -0.85
H2' ATP C . -16.75 -7.07 1.87
HO2' ATP C . -16.33 -8.59 0.27
H1' ATP C . -14.38 -7.71 3.02
H8 ATP C . -14.79 -3.94 2.50
HN61 ATP C . -17.22 -2.92 6.62
HN62 ATP C . -17.84 -3.90 7.90
H2 ATP C . -16.76 -8.16 6.94
C2 BGC D . -26.91 20.77 -12.74
C3 BGC D . -26.35 21.81 -13.70
C4 BGC D . -24.85 21.96 -13.52
C5 BGC D . -24.15 20.61 -13.61
C6 BGC D . -22.67 20.69 -13.30
C1 BGC D . -26.13 19.46 -12.84
O1 BGC D . -26.60 18.59 -11.85
O2 BGC D . -28.29 20.53 -13.02
O3 BGC D . -27.02 23.05 -13.49
O4 BGC D . -24.33 22.83 -14.52
O5 BGC D . -24.73 19.70 -12.66
O6 BGC D . -22.05 19.42 -13.41
H2 BGC D . -26.83 21.17 -11.73
H3 BGC D . -26.54 21.51 -14.74
H4 BGC D . -24.65 22.39 -12.54
H5 BGC D . -24.24 20.19 -14.61
H61 BGC D . -22.18 21.30 -14.04
H62 BGC D . -22.48 21.14 -12.34
H1 BGC D . -26.32 18.92 -13.76
HO1 BGC D . -26.39 17.65 -12.10
HO2 BGC D . -28.33 20.18 -13.94
HO3 BGC D . -27.97 22.91 -13.72
HO4 BGC D . -24.75 23.72 -14.40
HO6 BGC D . -21.11 19.53 -13.11
#